data_2EN6
#
_entry.id   2EN6
#
loop_
_entity.id
_entity.type
_entity.pdbx_description
1 polymer 'Zinc finger protein 268'
2 non-polymer 'ZINC ION'
#
_entity_poly.entity_id   1
_entity_poly.type   'polypeptide(L)'
_entity_poly.pdbx_seq_one_letter_code
;GSSGSSGSGEKPYGCNECGKTFSQKSILSAHQRTHTGEKPSGPSSG
;
_entity_poly.pdbx_strand_id   A
#
loop_
_chem_comp.id
_chem_comp.type
_chem_comp.name
_chem_comp.formula
ZN non-polymer 'ZINC ION' 'Zn 2'
#
# COMPACT_ATOMS: atom_id res chain seq x y z
N GLY A 1 26.50 1.27 -13.51
CA GLY A 1 25.40 1.15 -14.44
C GLY A 1 24.10 1.66 -13.85
N SER A 2 23.22 0.74 -13.48
CA SER A 2 21.92 1.10 -12.92
C SER A 2 22.09 1.84 -11.60
N SER A 3 22.97 1.31 -10.74
CA SER A 3 23.22 1.92 -9.44
C SER A 3 21.93 2.42 -8.80
N GLY A 4 20.87 1.62 -8.92
CA GLY A 4 19.59 1.99 -8.36
C GLY A 4 18.42 1.61 -9.25
N SER A 5 17.55 0.76 -8.75
CA SER A 5 16.39 0.31 -9.51
C SER A 5 15.23 1.29 -9.37
N SER A 6 15.18 2.27 -10.27
CA SER A 6 14.13 3.28 -10.24
C SER A 6 13.45 3.38 -11.61
N GLY A 7 12.18 2.98 -11.66
CA GLY A 7 11.43 3.05 -12.90
C GLY A 7 11.19 4.47 -13.37
N SER A 8 9.93 4.77 -13.69
CA SER A 8 9.56 6.11 -14.16
C SER A 8 9.26 7.02 -12.98
N GLY A 9 8.57 6.48 -11.98
CA GLY A 9 8.22 7.27 -10.80
C GLY A 9 6.75 7.63 -10.77
N GLU A 10 5.89 6.68 -11.11
CA GLU A 10 4.45 6.91 -11.12
C GLU A 10 3.81 6.35 -9.86
N LYS A 11 4.15 5.12 -9.51
CA LYS A 11 3.61 4.48 -8.32
C LYS A 11 4.72 3.84 -7.49
N PRO A 12 5.57 4.69 -6.90
CA PRO A 12 6.69 4.23 -6.07
C PRO A 12 6.21 3.64 -4.75
N TYR A 13 4.90 3.68 -4.51
CA TYR A 13 4.33 3.14 -3.29
C TYR A 13 3.52 1.88 -3.58
N GLY A 14 3.40 1.02 -2.57
CA GLY A 14 2.65 -0.22 -2.73
C GLY A 14 2.10 -0.74 -1.42
N CYS A 15 0.86 -1.23 -1.45
CA CYS A 15 0.22 -1.75 -0.26
C CYS A 15 0.41 -3.26 -0.15
N ASN A 16 1.66 -3.69 0.05
CA ASN A 16 1.97 -5.10 0.16
C ASN A 16 0.83 -5.86 0.85
N GLU A 17 0.23 -5.23 1.85
CA GLU A 17 -0.86 -5.85 2.58
C GLU A 17 -1.80 -6.59 1.64
N CYS A 18 -2.22 -5.92 0.58
CA CYS A 18 -3.12 -6.51 -0.40
C CYS A 18 -2.40 -6.75 -1.73
N GLY A 19 -1.50 -5.84 -2.08
CA GLY A 19 -0.76 -5.98 -3.32
C GLY A 19 -1.12 -4.91 -4.33
N LYS A 20 -1.56 -3.76 -3.84
CA LYS A 20 -1.94 -2.65 -4.70
C LYS A 20 -0.83 -1.61 -4.78
N THR A 21 -1.02 -0.60 -5.63
CA THR A 21 -0.03 0.45 -5.80
C THR A 21 -0.69 1.83 -5.77
N PHE A 22 0.07 2.84 -5.35
CA PHE A 22 -0.44 4.20 -5.28
C PHE A 22 0.61 5.20 -5.76
N SER A 23 0.15 6.35 -6.24
CA SER A 23 1.05 7.39 -6.73
C SER A 23 1.79 8.05 -5.57
N GLN A 24 1.09 8.26 -4.47
CA GLN A 24 1.69 8.89 -3.29
C GLN A 24 1.26 8.17 -2.02
N LYS A 25 2.10 8.26 -0.99
CA LYS A 25 1.81 7.61 0.29
C LYS A 25 0.53 8.17 0.89
N SER A 26 0.45 9.49 0.99
CA SER A 26 -0.72 10.15 1.56
C SER A 26 -2.00 9.40 1.20
N ILE A 27 -2.02 8.85 -0.02
CA ILE A 27 -3.19 8.11 -0.49
C ILE A 27 -3.16 6.67 0.01
N LEU A 28 -1.99 6.05 -0.06
CA LEU A 28 -1.83 4.67 0.38
C LEU A 28 -2.11 4.54 1.89
N SER A 29 -1.42 5.36 2.68
CA SER A 29 -1.59 5.34 4.12
C SER A 29 -3.06 5.17 4.49
N ALA A 30 -3.90 6.05 3.98
CA ALA A 30 -5.33 6.01 4.24
C ALA A 30 -5.93 4.66 3.84
N HIS A 31 -5.52 4.17 2.67
CA HIS A 31 -6.00 2.89 2.17
C HIS A 31 -5.61 1.75 3.11
N GLN A 32 -4.50 1.92 3.80
CA GLN A 32 -4.01 0.91 4.73
C GLN A 32 -4.75 1.00 6.07
N ARG A 33 -5.29 2.19 6.36
CA ARG A 33 -6.01 2.41 7.60
C ARG A 33 -7.16 1.41 7.75
N THR A 34 -7.87 1.16 6.66
CA THR A 34 -8.99 0.24 6.66
C THR A 34 -8.50 -1.21 6.78
N HIS A 35 -7.31 -1.48 6.24
CA HIS A 35 -6.74 -2.82 6.29
C HIS A 35 -6.54 -3.27 7.72
N THR A 36 -6.07 -2.36 8.57
CA THR A 36 -5.82 -2.67 9.97
C THR A 36 -6.94 -3.56 10.54
N GLY A 37 -6.58 -4.43 11.47
CA GLY A 37 -7.55 -5.33 12.07
C GLY A 37 -8.09 -6.34 11.08
N GLU A 38 -7.21 -7.09 10.45
CA GLU A 38 -7.60 -8.10 9.48
C GLU A 38 -8.18 -9.33 10.17
N LYS A 39 -9.49 -9.50 10.09
CA LYS A 39 -10.17 -10.62 10.71
C LYS A 39 -10.11 -11.85 9.80
N PRO A 40 -9.98 -13.03 10.42
CA PRO A 40 -9.91 -14.30 9.69
C PRO A 40 -11.25 -14.67 9.05
N SER A 41 -11.40 -14.36 7.77
CA SER A 41 -12.63 -14.65 7.04
C SER A 41 -12.78 -16.15 6.82
N GLY A 42 -11.70 -16.80 6.39
CA GLY A 42 -11.72 -18.23 6.15
C GLY A 42 -10.73 -18.98 6.99
N PRO A 43 -9.54 -19.23 6.42
CA PRO A 43 -8.46 -19.95 7.10
C PRO A 43 -7.85 -19.14 8.24
N SER A 44 -8.14 -19.54 9.47
CA SER A 44 -7.61 -18.85 10.64
C SER A 44 -6.09 -18.94 10.69
N SER A 45 -5.41 -17.93 10.16
CA SER A 45 -3.96 -17.89 10.15
C SER A 45 -3.45 -16.47 9.93
N GLY A 46 -2.28 -16.18 10.47
CA GLY A 46 -1.69 -14.86 10.32
C GLY A 46 -0.59 -14.83 9.29
ZN ZN B . -4.21 -2.52 0.60
N GLY A 1 -0.67 -17.22 -5.98
CA GLY A 1 0.57 -16.80 -6.60
C GLY A 1 0.35 -16.17 -7.96
N SER A 2 1.16 -16.56 -8.93
CA SER A 2 1.06 -16.02 -10.29
C SER A 2 0.95 -14.50 -10.26
N SER A 3 1.77 -13.88 -9.42
CA SER A 3 1.78 -12.43 -9.30
C SER A 3 3.16 -11.85 -9.60
N GLY A 4 3.19 -10.61 -10.05
CA GLY A 4 4.45 -9.97 -10.37
C GLY A 4 4.56 -8.56 -9.80
N SER A 5 5.78 -8.07 -9.66
CA SER A 5 6.01 -6.74 -9.12
C SER A 5 5.71 -5.67 -10.16
N SER A 6 4.65 -4.90 -9.93
CA SER A 6 4.24 -3.85 -10.86
C SER A 6 4.69 -2.48 -10.34
N GLY A 7 5.94 -2.39 -9.90
CA GLY A 7 6.46 -1.14 -9.39
C GLY A 7 7.00 -0.24 -10.48
N SER A 8 6.59 1.02 -10.46
CA SER A 8 7.03 1.99 -11.46
C SER A 8 7.12 3.39 -10.87
N GLY A 9 7.92 4.24 -11.50
CA GLY A 9 8.07 5.61 -11.02
C GLY A 9 6.73 6.28 -10.76
N GLU A 10 5.72 5.90 -11.53
CA GLU A 10 4.39 6.48 -11.38
C GLU A 10 3.82 6.17 -9.99
N LYS A 11 3.97 4.93 -9.56
CA LYS A 11 3.48 4.51 -8.25
C LYS A 11 4.57 3.80 -7.45
N PRO A 12 5.49 4.58 -6.88
CA PRO A 12 6.60 4.07 -6.08
C PRO A 12 6.13 3.49 -4.75
N TYR A 13 4.82 3.55 -4.51
CA TYR A 13 4.25 3.04 -3.28
C TYR A 13 3.38 1.81 -3.54
N GLY A 14 3.58 0.77 -2.75
CA GLY A 14 2.82 -0.46 -2.93
C GLY A 14 2.24 -0.97 -1.62
N CYS A 15 0.96 -1.34 -1.64
CA CYS A 15 0.28 -1.84 -0.45
C CYS A 15 0.74 -3.26 -0.13
N ASN A 16 1.71 -3.37 0.77
CA ASN A 16 2.24 -4.68 1.16
C ASN A 16 1.13 -5.58 1.68
N GLU A 17 0.03 -4.96 2.13
CA GLU A 17 -1.11 -5.71 2.65
C GLU A 17 -1.78 -6.52 1.55
N CYS A 18 -2.35 -5.83 0.56
CA CYS A 18 -3.02 -6.48 -0.55
C CYS A 18 -2.15 -6.45 -1.81
N GLY A 19 -1.59 -5.27 -2.09
CA GLY A 19 -0.75 -5.13 -3.27
C GLY A 19 -1.01 -3.84 -4.01
N LYS A 20 -2.26 -3.39 -3.99
CA LYS A 20 -2.64 -2.15 -4.67
C LYS A 20 -1.55 -1.10 -4.54
N THR A 21 -1.21 -0.47 -5.67
CA THR A 21 -0.18 0.55 -5.68
C THR A 21 -0.78 1.95 -5.74
N PHE A 22 -0.04 2.94 -5.25
CA PHE A 22 -0.52 4.31 -5.25
C PHE A 22 0.59 5.27 -5.69
N SER A 23 0.19 6.40 -6.26
CA SER A 23 1.16 7.40 -6.73
C SER A 23 1.98 7.96 -5.58
N GLN A 24 1.30 8.26 -4.48
CA GLN A 24 1.97 8.81 -3.30
C GLN A 24 1.56 8.05 -2.04
N LYS A 25 2.26 8.32 -0.94
CA LYS A 25 1.97 7.66 0.33
C LYS A 25 0.71 8.22 0.95
N SER A 26 0.63 9.55 1.04
CA SER A 26 -0.54 10.21 1.63
C SER A 26 -1.82 9.47 1.27
N ILE A 27 -1.86 8.91 0.07
CA ILE A 27 -3.03 8.17 -0.39
C ILE A 27 -3.02 6.74 0.15
N LEU A 28 -1.93 6.03 -0.08
CA LEU A 28 -1.80 4.65 0.38
C LEU A 28 -2.10 4.55 1.88
N SER A 29 -1.47 5.42 2.66
CA SER A 29 -1.67 5.42 4.11
C SER A 29 -3.15 5.24 4.45
N ALA A 30 -3.99 6.09 3.87
CA ALA A 30 -5.43 6.03 4.11
C ALA A 30 -5.99 4.68 3.70
N HIS A 31 -5.50 4.15 2.58
CA HIS A 31 -5.96 2.87 2.07
C HIS A 31 -5.54 1.74 3.00
N GLN A 32 -4.54 2.01 3.83
CA GLN A 32 -4.04 1.01 4.77
C GLN A 32 -4.89 0.98 6.03
N ARG A 33 -5.64 2.04 6.26
CA ARG A 33 -6.51 2.13 7.43
C ARG A 33 -7.53 1.01 7.45
N THR A 34 -7.96 0.59 6.26
CA THR A 34 -8.93 -0.49 6.13
C THR A 34 -8.26 -1.84 6.03
N HIS A 35 -7.02 -1.93 6.51
CA HIS A 35 -6.26 -3.16 6.48
C HIS A 35 -5.85 -3.59 7.89
N THR A 36 -5.24 -2.66 8.62
CA THR A 36 -4.80 -2.94 9.98
C THR A 36 -5.91 -2.66 10.99
N GLY A 37 -7.14 -2.98 10.62
CA GLY A 37 -8.27 -2.75 11.50
C GLY A 37 -9.17 -3.97 11.61
N GLU A 38 -9.35 -4.67 10.50
CA GLU A 38 -10.19 -5.86 10.47
C GLU A 38 -9.90 -6.77 11.66
N LYS A 39 -10.74 -7.77 11.86
CA LYS A 39 -10.57 -8.71 12.97
C LYS A 39 -9.09 -9.03 13.18
N PRO A 40 -8.71 -9.21 14.45
CA PRO A 40 -7.32 -9.52 14.82
C PRO A 40 -6.91 -10.93 14.39
N SER A 41 -5.73 -11.04 13.81
CA SER A 41 -5.22 -12.34 13.35
C SER A 41 -4.30 -12.95 14.40
N GLY A 42 -3.27 -12.20 14.78
CA GLY A 42 -2.32 -12.70 15.76
C GLY A 42 -1.82 -11.61 16.68
N PRO A 43 -0.65 -11.03 16.33
CA PRO A 43 -0.05 -9.96 17.13
C PRO A 43 -0.83 -8.65 17.04
N SER A 44 -0.53 -7.73 17.95
CA SER A 44 -1.22 -6.44 17.98
C SER A 44 -0.41 -5.42 18.77
N SER A 45 -0.56 -4.15 18.41
CA SER A 45 0.16 -3.07 19.08
C SER A 45 -0.56 -1.75 18.92
N GLY A 46 -0.37 -0.85 19.87
CA GLY A 46 -1.01 0.46 19.81
C GLY A 46 -1.45 0.95 21.18
ZN ZN B . -4.43 -2.59 0.51
N GLY A 1 8.10 5.25 -23.82
CA GLY A 1 9.01 6.31 -23.44
C GLY A 1 9.38 7.20 -24.59
N SER A 2 8.60 8.27 -24.79
CA SER A 2 8.84 9.21 -25.87
C SER A 2 9.66 10.39 -25.39
N SER A 3 10.69 10.12 -24.59
CA SER A 3 11.55 11.16 -24.04
C SER A 3 10.73 12.21 -23.31
N GLY A 4 9.75 11.75 -22.53
CA GLY A 4 8.91 12.67 -21.77
C GLY A 4 8.32 12.02 -20.54
N SER A 5 9.17 11.59 -19.63
CA SER A 5 8.72 10.95 -18.39
C SER A 5 9.12 11.78 -17.17
N SER A 6 8.13 12.17 -16.39
CA SER A 6 8.37 12.96 -15.19
C SER A 6 9.52 12.38 -14.38
N GLY A 7 9.33 11.16 -13.90
CA GLY A 7 10.36 10.50 -13.10
C GLY A 7 10.13 10.66 -11.61
N SER A 8 9.59 11.81 -11.21
CA SER A 8 9.34 12.09 -9.81
C SER A 8 8.91 10.81 -9.08
N GLY A 9 8.03 10.05 -9.70
CA GLY A 9 7.56 8.80 -9.10
C GLY A 9 6.25 8.33 -9.69
N GLU A 10 6.22 7.06 -10.09
CA GLU A 10 5.01 6.49 -10.69
C GLU A 10 4.53 5.28 -9.87
N LYS A 11 3.81 5.56 -8.79
CA LYS A 11 3.29 4.51 -7.94
C LYS A 11 4.42 3.70 -7.32
N PRO A 12 5.35 4.39 -6.65
CA PRO A 12 6.50 3.76 -6.00
C PRO A 12 6.09 2.95 -4.77
N TYR A 13 4.90 3.22 -4.25
CA TYR A 13 4.39 2.52 -3.08
C TYR A 13 3.62 1.27 -3.49
N GLY A 14 3.77 0.21 -2.71
CA GLY A 14 3.08 -1.04 -3.00
C GLY A 14 2.50 -1.69 -1.76
N CYS A 15 1.24 -1.37 -1.45
CA CYS A 15 0.57 -1.93 -0.28
C CYS A 15 1.00 -3.37 -0.04
N ASN A 16 1.56 -3.62 1.13
CA ASN A 16 2.02 -4.96 1.50
C ASN A 16 0.92 -5.73 2.21
N GLU A 17 -0.31 -5.57 1.75
CA GLU A 17 -1.44 -6.26 2.36
C GLU A 17 -2.34 -6.88 1.28
N CYS A 18 -2.66 -6.09 0.27
CA CYS A 18 -3.51 -6.56 -0.82
C CYS A 18 -2.73 -6.61 -2.14
N GLY A 19 -1.89 -5.61 -2.36
CA GLY A 19 -1.10 -5.56 -3.57
C GLY A 19 -1.46 -4.37 -4.45
N LYS A 20 -1.98 -3.32 -3.84
CA LYS A 20 -2.37 -2.12 -4.57
C LYS A 20 -1.27 -1.07 -4.52
N THR A 21 -1.24 -0.21 -5.54
CA THR A 21 -0.24 0.85 -5.61
C THR A 21 -0.89 2.23 -5.54
N PHE A 22 -0.07 3.24 -5.27
CA PHE A 22 -0.56 4.61 -5.17
C PHE A 22 0.52 5.61 -5.55
N SER A 23 0.20 6.52 -6.46
CA SER A 23 1.15 7.53 -6.91
C SER A 23 1.85 8.18 -5.73
N GLN A 24 1.06 8.59 -4.73
CA GLN A 24 1.61 9.23 -3.54
C GLN A 24 1.24 8.45 -2.29
N LYS A 25 1.97 8.71 -1.21
CA LYS A 25 1.72 8.03 0.06
C LYS A 25 0.42 8.53 0.70
N SER A 26 0.25 9.85 0.72
CA SER A 26 -0.94 10.44 1.30
C SER A 26 -2.17 9.59 1.03
N ILE A 27 -2.25 9.04 -0.19
CA ILE A 27 -3.38 8.20 -0.57
C ILE A 27 -3.25 6.80 0.03
N LEU A 28 -2.13 6.14 -0.26
CA LEU A 28 -1.88 4.80 0.25
C LEU A 28 -2.19 4.72 1.75
N SER A 29 -1.63 5.66 2.51
CA SER A 29 -1.84 5.69 3.95
C SER A 29 -3.30 5.42 4.29
N ALA A 30 -4.19 6.28 3.79
CA ALA A 30 -5.62 6.13 4.04
C ALA A 30 -6.11 4.75 3.63
N HIS A 31 -5.52 4.20 2.58
CA HIS A 31 -5.89 2.87 2.09
C HIS A 31 -5.41 1.78 3.05
N GLN A 32 -4.33 2.08 3.77
CA GLN A 32 -3.77 1.12 4.72
C GLN A 32 -4.59 1.08 6.00
N ARG A 33 -5.33 2.16 6.26
CA ARG A 33 -6.15 2.24 7.46
C ARG A 33 -7.06 1.01 7.58
N THR A 34 -7.56 0.54 6.44
CA THR A 34 -8.43 -0.62 6.42
C THR A 34 -7.65 -1.91 6.23
N HIS A 35 -6.38 -1.87 6.62
CA HIS A 35 -5.50 -3.05 6.51
C HIS A 35 -4.86 -3.37 7.86
N THR A 36 -5.67 -3.33 8.91
CA THR A 36 -5.18 -3.61 10.26
C THR A 36 -6.00 -4.72 10.91
N GLY A 37 -7.29 -4.78 10.57
CA GLY A 37 -8.16 -5.78 11.13
C GLY A 37 -7.85 -6.09 12.59
N GLU A 38 -7.91 -7.37 12.95
CA GLU A 38 -7.61 -7.78 14.31
C GLU A 38 -7.23 -9.27 14.36
N LYS A 39 -6.29 -9.59 15.25
CA LYS A 39 -5.82 -10.96 15.39
C LYS A 39 -6.63 -11.70 16.47
N PRO A 40 -6.84 -13.01 16.26
CA PRO A 40 -7.59 -13.86 17.19
C PRO A 40 -6.84 -14.07 18.49
N SER A 41 -5.57 -14.46 18.38
CA SER A 41 -4.74 -14.71 19.56
C SER A 41 -3.29 -14.96 19.15
N GLY A 42 -2.40 -15.03 20.15
CA GLY A 42 -1.00 -15.26 19.87
C GLY A 42 -0.75 -16.54 19.11
N PRO A 43 0.32 -16.57 18.31
CA PRO A 43 0.69 -17.75 17.52
C PRO A 43 1.18 -18.90 18.39
N SER A 44 1.38 -20.05 17.76
CA SER A 44 1.86 -21.24 18.48
C SER A 44 3.32 -21.53 18.15
N SER A 45 4.20 -21.18 19.08
CA SER A 45 5.63 -21.40 18.89
C SER A 45 6.07 -22.73 19.49
N GLY A 46 5.89 -22.86 20.81
CA GLY A 46 6.26 -24.08 21.48
C GLY A 46 5.06 -24.92 21.88
ZN ZN B . -4.03 -2.61 0.48
N GLY A 1 3.10 16.81 -19.96
CA GLY A 1 2.02 16.33 -19.12
C GLY A 1 2.40 15.10 -18.33
N SER A 2 1.93 15.02 -17.10
CA SER A 2 2.23 13.88 -16.23
C SER A 2 3.74 13.75 -16.01
N SER A 3 4.39 14.89 -15.80
CA SER A 3 5.84 14.90 -15.58
C SER A 3 6.22 15.95 -14.54
N GLY A 4 7.10 15.59 -13.63
CA GLY A 4 7.54 16.51 -12.59
C GLY A 4 9.00 16.87 -12.72
N SER A 5 9.87 16.07 -12.10
CA SER A 5 11.30 16.32 -12.13
C SER A 5 12.08 15.06 -11.73
N SER A 6 13.41 15.15 -11.80
CA SER A 6 14.26 14.02 -11.44
C SER A 6 13.98 13.55 -10.02
N GLY A 7 13.29 12.42 -9.90
CA GLY A 7 12.97 11.89 -8.59
C GLY A 7 11.54 11.41 -8.49
N SER A 8 10.60 12.25 -8.89
CA SER A 8 9.19 11.91 -8.84
C SER A 8 8.92 10.59 -9.59
N GLY A 9 8.78 9.51 -8.84
CA GLY A 9 8.54 8.22 -9.44
C GLY A 9 7.05 7.93 -9.62
N GLU A 10 6.74 6.92 -10.42
CA GLU A 10 5.35 6.56 -10.66
C GLU A 10 4.92 5.40 -9.76
N LYS A 11 3.88 5.62 -8.98
CA LYS A 11 3.36 4.60 -8.07
C LYS A 11 4.50 3.87 -7.38
N PRO A 12 5.43 4.63 -6.78
CA PRO A 12 6.59 4.07 -6.08
C PRO A 12 6.19 3.37 -4.78
N TYR A 13 4.92 3.45 -4.44
CA TYR A 13 4.41 2.82 -3.23
C TYR A 13 3.48 1.65 -3.56
N GLY A 14 3.40 0.70 -2.64
CA GLY A 14 2.54 -0.46 -2.85
C GLY A 14 1.99 -1.01 -1.55
N CYS A 15 0.69 -1.27 -1.53
CA CYS A 15 0.04 -1.80 -0.33
C CYS A 15 0.41 -3.27 -0.13
N ASN A 16 1.51 -3.50 0.59
CA ASN A 16 1.97 -4.85 0.86
C ASN A 16 0.85 -5.72 1.43
N GLU A 17 -0.11 -5.07 2.08
CA GLU A 17 -1.26 -5.78 2.66
C GLU A 17 -2.03 -6.54 1.59
N CYS A 18 -2.62 -5.78 0.66
CA CYS A 18 -3.40 -6.39 -0.42
C CYS A 18 -2.54 -6.58 -1.66
N GLY A 19 -1.77 -5.55 -2.02
CA GLY A 19 -0.90 -5.63 -3.18
C GLY A 19 -1.22 -4.55 -4.20
N LYS A 20 -1.81 -3.45 -3.74
CA LYS A 20 -2.17 -2.34 -4.62
C LYS A 20 -1.04 -1.33 -4.71
N THR A 21 -1.25 -0.27 -5.49
CA THR A 21 -0.25 0.77 -5.64
C THR A 21 -0.89 2.15 -5.69
N PHE A 22 -0.13 3.17 -5.33
CA PHE A 22 -0.62 4.54 -5.33
C PHE A 22 0.49 5.52 -5.70
N SER A 23 0.15 6.48 -6.57
CA SER A 23 1.12 7.47 -7.01
C SER A 23 1.76 8.18 -5.82
N GLN A 24 0.92 8.56 -4.85
CA GLN A 24 1.41 9.26 -3.66
C GLN A 24 1.06 8.46 -2.41
N LYS A 25 2.00 8.42 -1.47
CA LYS A 25 1.81 7.69 -0.22
C LYS A 25 0.59 8.22 0.53
N SER A 26 0.44 9.55 0.54
CA SER A 26 -0.68 10.17 1.22
C SER A 26 -1.95 9.34 1.06
N ILE A 27 -2.14 8.77 -0.12
CA ILE A 27 -3.31 7.95 -0.39
C ILE A 27 -3.17 6.57 0.23
N LEU A 28 -2.09 5.88 -0.10
CA LEU A 28 -1.84 4.54 0.43
C LEU A 28 -2.07 4.51 1.93
N SER A 29 -1.44 5.43 2.66
CA SER A 29 -1.58 5.50 4.11
C SER A 29 -3.01 5.22 4.53
N ALA A 30 -3.95 6.00 4.00
CA ALA A 30 -5.36 5.84 4.33
C ALA A 30 -5.87 4.47 3.86
N HIS A 31 -5.54 4.12 2.62
CA HIS A 31 -5.97 2.83 2.06
C HIS A 31 -5.47 1.68 2.92
N GLN A 32 -4.44 1.94 3.73
CA GLN A 32 -3.88 0.91 4.59
C GLN A 32 -4.64 0.83 5.91
N ARG A 33 -5.17 1.97 6.36
CA ARG A 33 -5.91 2.03 7.60
C ARG A 33 -6.95 0.91 7.67
N THR A 34 -7.72 0.75 6.60
CA THR A 34 -8.74 -0.28 6.53
C THR A 34 -8.12 -1.68 6.57
N HIS A 35 -6.83 -1.76 6.25
CA HIS A 35 -6.12 -3.02 6.24
C HIS A 35 -5.55 -3.34 7.63
N THR A 36 -6.41 -3.25 8.64
CA THR A 36 -5.99 -3.52 10.02
C THR A 36 -6.96 -4.49 10.70
N GLY A 37 -8.26 -4.27 10.49
CA GLY A 37 -9.26 -5.13 11.09
C GLY A 37 -9.75 -6.21 10.15
N GLU A 38 -8.80 -6.89 9.50
CA GLU A 38 -9.15 -7.95 8.56
C GLU A 38 -8.41 -9.24 8.90
N LYS A 39 -8.75 -10.32 8.20
CA LYS A 39 -8.13 -11.61 8.43
C LYS A 39 -7.41 -12.10 7.18
N PRO A 40 -6.26 -12.78 7.37
CA PRO A 40 -5.47 -13.32 6.27
C PRO A 40 -6.15 -14.48 5.57
N SER A 41 -6.73 -14.21 4.41
CA SER A 41 -7.43 -15.24 3.64
C SER A 41 -6.52 -15.80 2.55
N GLY A 42 -5.84 -16.91 2.86
CA GLY A 42 -4.95 -17.53 1.90
C GLY A 42 -4.52 -18.91 2.33
N PRO A 43 -5.37 -19.92 2.04
CA PRO A 43 -5.09 -21.32 2.38
C PRO A 43 -3.95 -21.90 1.55
N SER A 44 -3.14 -22.74 2.17
CA SER A 44 -2.01 -23.38 1.49
C SER A 44 -2.31 -24.85 1.21
N SER A 45 -3.52 -25.13 0.75
CA SER A 45 -3.92 -26.49 0.44
C SER A 45 -4.86 -26.53 -0.76
N GLY A 46 -4.68 -27.52 -1.62
CA GLY A 46 -5.52 -27.66 -2.79
C GLY A 46 -4.90 -28.56 -3.84
ZN ZN B . -4.56 -2.46 0.38
N GLY A 1 11.10 -12.15 -27.79
CA GLY A 1 11.26 -11.19 -26.71
C GLY A 1 10.25 -10.06 -26.77
N SER A 2 9.37 -10.02 -25.80
CA SER A 2 8.33 -8.99 -25.74
C SER A 2 8.90 -7.67 -25.24
N SER A 3 8.15 -6.59 -25.42
CA SER A 3 8.59 -5.27 -24.99
C SER A 3 7.46 -4.26 -25.12
N GLY A 4 7.40 -3.33 -24.17
CA GLY A 4 6.35 -2.32 -24.19
C GLY A 4 6.86 -0.96 -23.75
N SER A 5 6.40 -0.50 -22.59
CA SER A 5 6.80 0.79 -22.05
C SER A 5 7.34 0.65 -20.63
N SER A 6 8.30 1.49 -20.28
CA SER A 6 8.91 1.46 -18.95
C SER A 6 8.32 2.55 -18.07
N GLY A 7 7.57 2.14 -17.05
CA GLY A 7 6.96 3.10 -16.14
C GLY A 7 7.62 3.11 -14.78
N SER A 8 8.84 3.65 -14.72
CA SER A 8 9.58 3.71 -13.47
C SER A 8 9.41 5.07 -12.79
N GLY A 9 9.27 5.06 -11.47
CA GLY A 9 9.10 6.30 -10.74
C GLY A 9 7.66 6.56 -10.35
N GLU A 10 6.74 6.19 -11.22
CA GLU A 10 5.32 6.38 -10.97
C GLU A 10 4.79 5.32 -10.01
N LYS A 11 3.92 5.74 -9.09
CA LYS A 11 3.34 4.83 -8.12
C LYS A 11 4.43 3.99 -7.45
N PRO A 12 5.42 4.66 -6.87
CA PRO A 12 6.54 3.99 -6.19
C PRO A 12 6.11 3.33 -4.89
N TYR A 13 4.82 3.41 -4.58
CA TYR A 13 4.27 2.83 -3.36
C TYR A 13 3.43 1.59 -3.68
N GLY A 14 3.39 0.65 -2.74
CA GLY A 14 2.62 -0.55 -2.94
C GLY A 14 2.09 -1.13 -1.64
N CYS A 15 0.78 -1.10 -1.46
CA CYS A 15 0.16 -1.61 -0.25
C CYS A 15 0.68 -3.01 0.08
N ASN A 16 1.40 -3.12 1.19
CA ASN A 16 1.96 -4.39 1.61
C ASN A 16 0.93 -5.21 2.38
N GLU A 17 -0.32 -5.14 1.94
CA GLU A 17 -1.41 -5.87 2.58
C GLU A 17 -2.25 -6.61 1.55
N CYS A 18 -2.58 -5.92 0.46
CA CYS A 18 -3.38 -6.51 -0.61
C CYS A 18 -2.57 -6.67 -1.88
N GLY A 19 -1.77 -5.66 -2.19
CA GLY A 19 -0.94 -5.71 -3.39
C GLY A 19 -1.28 -4.61 -4.38
N LYS A 20 -1.83 -3.52 -3.87
CA LYS A 20 -2.20 -2.39 -4.72
C LYS A 20 -1.08 -1.36 -4.78
N THR A 21 -1.26 -0.35 -5.63
CA THR A 21 -0.26 0.70 -5.79
C THR A 21 -0.90 2.08 -5.74
N PHE A 22 -0.11 3.09 -5.39
CA PHE A 22 -0.60 4.45 -5.31
C PHE A 22 0.47 5.45 -5.73
N SER A 23 0.05 6.52 -6.40
CA SER A 23 0.98 7.53 -6.88
C SER A 23 1.76 8.15 -5.71
N GLN A 24 1.05 8.44 -4.63
CA GLN A 24 1.67 9.03 -3.44
C GLN A 24 1.28 8.25 -2.19
N LYS A 25 2.07 8.42 -1.12
CA LYS A 25 1.81 7.75 0.14
C LYS A 25 0.56 8.31 0.82
N SER A 26 0.49 9.64 0.88
CA SER A 26 -0.66 10.30 1.51
C SER A 26 -1.95 9.55 1.23
N ILE A 27 -2.03 8.97 0.04
CA ILE A 27 -3.22 8.22 -0.36
C ILE A 27 -3.16 6.78 0.16
N LEU A 28 -2.04 6.12 -0.09
CA LEU A 28 -1.86 4.74 0.36
C LEU A 28 -2.11 4.62 1.86
N SER A 29 -1.50 5.49 2.64
CA SER A 29 -1.67 5.48 4.08
C SER A 29 -3.14 5.26 4.46
N ALA A 30 -4.01 6.11 3.92
CA ALA A 30 -5.44 6.01 4.20
C ALA A 30 -5.98 4.65 3.79
N HIS A 31 -5.50 4.14 2.66
CA HIS A 31 -5.94 2.84 2.15
C HIS A 31 -5.48 1.72 3.07
N GLN A 32 -4.37 1.94 3.77
CA GLN A 32 -3.83 0.95 4.67
C GLN A 32 -4.69 0.83 5.93
N ARG A 33 -5.20 1.95 6.40
CA ARG A 33 -6.04 1.98 7.59
C ARG A 33 -7.11 0.89 7.53
N THR A 34 -7.54 0.56 6.31
CA THR A 34 -8.55 -0.47 6.12
C THR A 34 -7.92 -1.85 5.95
N HIS A 35 -6.73 -2.02 6.52
CA HIS A 35 -6.02 -3.29 6.43
C HIS A 35 -5.50 -3.70 7.81
N THR A 36 -4.94 -2.75 8.54
CA THR A 36 -4.40 -3.03 9.87
C THR A 36 -5.44 -3.67 10.77
N GLY A 37 -5.36 -4.98 10.95
CA GLY A 37 -6.31 -5.68 11.77
C GLY A 37 -5.72 -6.08 13.12
N GLU A 38 -4.47 -6.54 13.10
CA GLU A 38 -3.79 -6.96 14.32
C GLU A 38 -3.33 -5.75 15.13
N LYS A 39 -4.17 -5.32 16.06
CA LYS A 39 -3.85 -4.17 16.90
C LYS A 39 -4.60 -4.24 18.23
N PRO A 40 -4.06 -3.57 19.25
CA PRO A 40 -4.65 -3.55 20.59
C PRO A 40 -5.95 -2.74 20.62
N SER A 41 -6.38 -2.25 19.46
CA SER A 41 -7.60 -1.46 19.37
C SER A 41 -8.66 -2.00 20.32
N GLY A 42 -9.32 -1.09 21.03
CA GLY A 42 -10.36 -1.48 21.97
C GLY A 42 -9.78 -1.99 23.28
N PRO A 43 -10.51 -1.72 24.38
CA PRO A 43 -10.09 -2.14 25.72
C PRO A 43 -10.17 -3.65 25.90
N SER A 44 -9.60 -4.14 27.00
CA SER A 44 -9.61 -5.57 27.29
C SER A 44 -10.97 -6.19 26.97
N SER A 45 -12.02 -5.61 27.55
CA SER A 45 -13.37 -6.10 27.34
C SER A 45 -13.44 -7.61 27.55
N GLY A 46 -12.79 -8.08 28.60
CA GLY A 46 -12.79 -9.51 28.90
C GLY A 46 -12.73 -10.36 27.64
ZN ZN B . -4.41 -2.50 0.38
N GLY A 1 15.53 -10.26 -15.67
CA GLY A 1 15.75 -9.05 -14.89
C GLY A 1 14.82 -7.92 -15.29
N SER A 2 15.10 -6.72 -14.80
CA SER A 2 14.27 -5.56 -15.11
C SER A 2 14.92 -4.28 -14.58
N SER A 3 15.34 -3.42 -15.50
CA SER A 3 15.98 -2.16 -15.14
C SER A 3 15.41 -1.00 -15.96
N GLY A 4 15.82 0.21 -15.62
CA GLY A 4 15.35 1.38 -16.33
C GLY A 4 14.55 2.32 -15.45
N SER A 5 15.20 2.90 -14.45
CA SER A 5 14.54 3.81 -13.52
C SER A 5 14.80 5.26 -13.92
N SER A 6 14.67 5.55 -15.21
CA SER A 6 14.89 6.89 -15.72
C SER A 6 13.67 7.78 -15.46
N GLY A 7 13.16 7.72 -14.24
CA GLY A 7 12.00 8.53 -13.88
C GLY A 7 11.62 8.36 -12.42
N SER A 8 10.95 9.38 -11.87
CA SER A 8 10.53 9.35 -10.47
C SER A 8 9.04 9.04 -10.36
N GLY A 9 8.58 8.80 -9.14
CA GLY A 9 7.18 8.50 -8.92
C GLY A 9 6.74 7.25 -9.64
N GLU A 10 5.56 7.30 -10.25
CA GLU A 10 5.01 6.16 -10.98
C GLU A 10 4.56 5.07 -10.02
N LYS A 11 3.81 5.46 -9.00
CA LYS A 11 3.31 4.51 -8.02
C LYS A 11 4.47 3.82 -7.28
N PRO A 12 5.37 4.63 -6.72
CA PRO A 12 6.54 4.13 -5.99
C PRO A 12 6.15 3.49 -4.66
N TYR A 13 4.87 3.58 -4.32
CA TYR A 13 4.37 3.00 -3.08
C TYR A 13 3.36 1.89 -3.35
N GLY A 14 3.68 0.68 -2.90
CA GLY A 14 2.79 -0.44 -3.11
C GLY A 14 2.34 -1.08 -1.81
N CYS A 15 1.04 -1.29 -1.67
CA CYS A 15 0.48 -1.90 -0.47
C CYS A 15 1.06 -3.29 -0.25
N ASN A 16 1.59 -3.52 0.96
CA ASN A 16 2.17 -4.82 1.30
C ASN A 16 1.09 -5.79 1.77
N GLU A 17 -0.07 -5.25 2.12
CA GLU A 17 -1.18 -6.07 2.58
C GLU A 17 -1.86 -6.79 1.42
N CYS A 18 -2.39 -6.02 0.48
CA CYS A 18 -3.06 -6.59 -0.68
C CYS A 18 -2.17 -6.51 -1.92
N GLY A 19 -1.60 -5.34 -2.15
CA GLY A 19 -0.73 -5.15 -3.30
C GLY A 19 -1.02 -3.87 -4.05
N LYS A 20 -2.25 -3.39 -3.93
CA LYS A 20 -2.67 -2.16 -4.61
C LYS A 20 -1.60 -1.08 -4.45
N THR A 21 -1.28 -0.40 -5.55
CA THR A 21 -0.29 0.66 -5.53
C THR A 21 -0.95 2.04 -5.50
N PHE A 22 -0.15 3.07 -5.29
CA PHE A 22 -0.65 4.44 -5.24
C PHE A 22 0.43 5.44 -5.65
N SER A 23 0.08 6.34 -6.55
CA SER A 23 1.02 7.35 -7.03
C SER A 23 1.78 7.98 -5.86
N GLN A 24 1.05 8.37 -4.83
CA GLN A 24 1.64 8.99 -3.64
C GLN A 24 1.24 8.23 -2.38
N LYS A 25 2.19 8.11 -1.45
CA LYS A 25 1.94 7.42 -0.20
C LYS A 25 0.80 8.07 0.57
N SER A 26 0.77 9.39 0.57
CA SER A 26 -0.27 10.14 1.27
C SER A 26 -1.62 9.43 1.15
N ILE A 27 -1.92 8.96 -0.06
CA ILE A 27 -3.18 8.26 -0.31
C ILE A 27 -3.13 6.83 0.24
N LEU A 28 -2.00 6.15 0.02
CA LEU A 28 -1.84 4.79 0.49
C LEU A 28 -2.13 4.68 1.98
N SER A 29 -1.48 5.54 2.76
CA SER A 29 -1.68 5.54 4.21
C SER A 29 -3.14 5.28 4.57
N ALA A 30 -4.04 6.02 3.93
CA ALA A 30 -5.47 5.87 4.17
C ALA A 30 -5.96 4.48 3.74
N HIS A 31 -5.53 4.06 2.55
CA HIS A 31 -5.93 2.76 2.02
C HIS A 31 -5.51 1.64 2.98
N GLN A 32 -4.45 1.89 3.75
CA GLN A 32 -3.95 0.90 4.69
C GLN A 32 -4.78 0.89 5.96
N ARG A 33 -5.37 2.04 6.29
CA ARG A 33 -6.19 2.16 7.48
C ARG A 33 -7.21 1.03 7.57
N THR A 34 -7.92 0.80 6.47
CA THR A 34 -8.93 -0.25 6.42
C THR A 34 -8.30 -1.63 6.57
N HIS A 35 -7.04 -1.75 6.15
CA HIS A 35 -6.32 -3.01 6.24
C HIS A 35 -5.96 -3.33 7.69
N THR A 36 -6.96 -3.78 8.46
CA THR A 36 -6.75 -4.12 9.85
C THR A 36 -7.79 -5.13 10.33
N GLY A 37 -7.62 -5.61 11.55
CA GLY A 37 -8.55 -6.58 12.11
C GLY A 37 -8.03 -8.01 11.99
N GLU A 38 -7.76 -8.63 13.13
CA GLU A 38 -7.26 -9.99 13.16
C GLU A 38 -6.24 -10.23 12.04
N LYS A 39 -5.35 -9.25 11.86
CA LYS A 39 -4.33 -9.34 10.82
C LYS A 39 -3.53 -10.63 10.96
N PRO A 40 -3.00 -11.12 9.83
CA PRO A 40 -2.20 -12.35 9.80
C PRO A 40 -0.84 -12.19 10.49
N SER A 41 -0.48 -13.18 11.29
CA SER A 41 0.79 -13.14 12.02
C SER A 41 1.89 -12.50 11.16
N GLY A 42 2.90 -11.95 11.83
CA GLY A 42 3.99 -11.31 11.12
C GLY A 42 5.15 -10.94 12.03
N PRO A 43 6.03 -11.92 12.30
CA PRO A 43 7.19 -11.71 13.17
C PRO A 43 8.24 -10.81 12.53
N SER A 44 8.32 -9.57 13.02
CA SER A 44 9.27 -8.61 12.50
C SER A 44 9.89 -7.79 13.62
N SER A 45 10.87 -6.96 13.27
CA SER A 45 11.55 -6.12 14.25
C SER A 45 12.52 -5.17 13.58
N GLY A 46 12.70 -4.00 14.18
CA GLY A 46 13.61 -3.01 13.62
C GLY A 46 13.63 -1.72 14.42
ZN ZN B . -4.08 -2.64 0.42
N GLY A 1 16.70 -0.14 -23.74
CA GLY A 1 16.58 -0.53 -22.35
C GLY A 1 16.69 0.65 -21.40
N SER A 2 15.76 0.73 -20.46
CA SER A 2 15.74 1.81 -19.50
C SER A 2 17.15 2.12 -18.98
N SER A 3 17.79 1.10 -18.42
CA SER A 3 19.14 1.26 -17.89
C SER A 3 19.25 2.53 -17.05
N GLY A 4 18.24 2.79 -16.24
CA GLY A 4 18.24 3.97 -15.39
C GLY A 4 17.15 4.95 -15.78
N SER A 5 17.23 6.16 -15.22
CA SER A 5 16.24 7.19 -15.50
C SER A 5 14.84 6.71 -15.14
N SER A 6 14.73 6.05 -13.99
CA SER A 6 13.44 5.54 -13.52
C SER A 6 13.22 5.89 -12.06
N GLY A 7 12.00 5.67 -11.59
CA GLY A 7 11.67 5.97 -10.21
C GLY A 7 11.47 7.45 -9.96
N SER A 8 10.73 8.10 -10.84
CA SER A 8 10.47 9.53 -10.73
C SER A 8 9.26 9.80 -9.84
N GLY A 9 8.21 9.02 -10.05
CA GLY A 9 7.00 9.18 -9.26
C GLY A 9 5.80 8.45 -9.86
N GLU A 10 6.02 7.20 -10.24
CA GLU A 10 4.96 6.39 -10.84
C GLU A 10 4.63 5.19 -9.95
N LYS A 11 3.79 5.43 -8.93
CA LYS A 11 3.39 4.38 -8.01
C LYS A 11 4.59 3.81 -7.27
N PRO A 12 5.38 4.72 -6.65
CA PRO A 12 6.57 4.33 -5.88
C PRO A 12 6.22 3.60 -4.59
N TYR A 13 4.95 3.63 -4.22
CA TYR A 13 4.49 2.97 -3.01
C TYR A 13 3.74 1.68 -3.35
N GLY A 14 3.92 0.66 -2.51
CA GLY A 14 3.24 -0.60 -2.73
C GLY A 14 2.60 -1.15 -1.48
N CYS A 15 1.33 -1.54 -1.59
CA CYS A 15 0.60 -2.08 -0.45
C CYS A 15 0.90 -3.56 -0.25
N ASN A 16 1.64 -3.87 0.81
CA ASN A 16 1.99 -5.25 1.10
C ASN A 16 0.91 -5.94 1.92
N GLU A 17 -0.34 -5.60 1.62
CA GLU A 17 -1.48 -6.18 2.33
C GLU A 17 -2.47 -6.81 1.34
N CYS A 18 -2.66 -6.16 0.21
CA CYS A 18 -3.58 -6.65 -0.81
C CYS A 18 -2.87 -6.80 -2.16
N GLY A 19 -1.97 -5.86 -2.45
CA GLY A 19 -1.24 -5.91 -3.70
C GLY A 19 -1.56 -4.73 -4.61
N LYS A 20 -1.98 -3.62 -4.00
CA LYS A 20 -2.32 -2.42 -4.75
C LYS A 20 -1.14 -1.45 -4.79
N THR A 21 -1.30 -0.37 -5.55
CA THR A 21 -0.24 0.64 -5.66
C THR A 21 -0.83 2.05 -5.60
N PHE A 22 0.02 3.02 -5.30
CA PHE A 22 -0.41 4.41 -5.21
C PHE A 22 0.73 5.36 -5.56
N SER A 23 0.45 6.34 -6.42
CA SER A 23 1.44 7.31 -6.83
C SER A 23 1.98 8.09 -5.64
N GLN A 24 1.08 8.44 -4.72
CA GLN A 24 1.46 9.18 -3.52
C GLN A 24 1.06 8.44 -2.26
N LYS A 25 1.84 8.61 -1.20
CA LYS A 25 1.57 7.95 0.07
C LYS A 25 0.30 8.50 0.71
N SER A 26 0.15 9.82 0.66
CA SER A 26 -1.03 10.48 1.23
C SER A 26 -2.28 9.64 0.99
N ILE A 27 -2.38 9.05 -0.19
CA ILE A 27 -3.52 8.23 -0.54
C ILE A 27 -3.39 6.82 0.03
N LEU A 28 -2.21 6.23 -0.17
CA LEU A 28 -1.96 4.88 0.33
C LEU A 28 -2.25 4.77 1.82
N SER A 29 -1.63 5.66 2.60
CA SER A 29 -1.83 5.66 4.05
C SER A 29 -3.28 5.33 4.40
N ALA A 30 -4.20 6.16 3.92
CA ALA A 30 -5.62 5.97 4.18
C ALA A 30 -6.06 4.57 3.77
N HIS A 31 -5.58 4.11 2.63
CA HIS A 31 -5.93 2.79 2.11
C HIS A 31 -5.43 1.70 3.06
N GLN A 32 -4.30 1.96 3.71
CA GLN A 32 -3.72 0.99 4.64
C GLN A 32 -4.46 1.02 5.98
N ARG A 33 -4.96 2.19 6.36
CA ARG A 33 -5.69 2.35 7.61
C ARG A 33 -6.74 1.26 7.76
N THR A 34 -7.41 0.94 6.66
CA THR A 34 -8.45 -0.09 6.68
C THR A 34 -7.85 -1.48 6.78
N HIS A 35 -6.59 -1.61 6.37
CA HIS A 35 -5.90 -2.89 6.42
C HIS A 35 -5.47 -3.23 7.84
N THR A 36 -4.99 -2.23 8.56
CA THR A 36 -4.55 -2.41 9.95
C THR A 36 -5.66 -2.03 10.92
N GLY A 37 -6.89 -2.38 10.58
CA GLY A 37 -8.02 -2.06 11.45
C GLY A 37 -8.70 -3.31 11.98
N GLU A 38 -8.43 -3.65 13.23
CA GLU A 38 -9.03 -4.83 13.85
C GLU A 38 -10.44 -4.52 14.35
N LYS A 39 -11.31 -5.53 14.30
CA LYS A 39 -12.69 -5.37 14.76
C LYS A 39 -12.79 -5.53 16.27
N PRO A 40 -13.68 -4.74 16.89
CA PRO A 40 -13.90 -4.78 18.34
C PRO A 40 -14.57 -6.07 18.79
N SER A 41 -15.65 -6.45 18.10
CA SER A 41 -16.39 -7.65 18.44
C SER A 41 -15.44 -8.83 18.63
N GLY A 42 -15.95 -9.91 19.21
CA GLY A 42 -15.13 -11.09 19.44
C GLY A 42 -14.88 -11.88 18.18
N PRO A 43 -14.54 -13.16 18.33
CA PRO A 43 -14.26 -14.05 17.20
C PRO A 43 -15.52 -14.39 16.41
N SER A 44 -16.67 -14.35 17.09
CA SER A 44 -17.94 -14.66 16.44
C SER A 44 -19.10 -14.41 17.39
N SER A 45 -20.02 -13.56 16.98
CA SER A 45 -21.19 -13.22 17.81
C SER A 45 -22.47 -13.33 16.99
N GLY A 46 -23.47 -14.02 17.56
CA GLY A 46 -24.74 -14.18 16.87
C GLY A 46 -25.58 -12.93 16.91
ZN ZN B . -4.10 -2.53 0.37
N GLY A 1 21.90 1.33 -11.64
CA GLY A 1 21.48 2.59 -12.21
C GLY A 1 20.92 2.45 -13.61
N SER A 2 21.65 1.78 -14.48
CA SER A 2 21.23 1.58 -15.86
C SER A 2 19.79 1.08 -15.91
N SER A 3 18.90 1.93 -16.41
CA SER A 3 17.48 1.58 -16.50
C SER A 3 16.79 2.43 -17.56
N GLY A 4 15.98 1.79 -18.40
CA GLY A 4 15.26 2.49 -19.44
C GLY A 4 13.81 2.76 -19.08
N SER A 5 13.61 3.51 -18.00
CA SER A 5 12.25 3.83 -17.55
C SER A 5 12.23 5.17 -16.82
N SER A 6 11.57 6.16 -17.45
CA SER A 6 11.49 7.49 -16.87
C SER A 6 10.18 7.65 -16.09
N GLY A 7 10.30 7.79 -14.77
CA GLY A 7 9.13 7.96 -13.92
C GLY A 7 9.39 8.84 -12.72
N SER A 8 10.55 8.64 -12.08
CA SER A 8 10.91 9.41 -10.91
C SER A 8 9.70 9.70 -10.05
N GLY A 9 8.85 8.69 -9.86
CA GLY A 9 7.65 8.86 -9.06
C GLY A 9 6.42 8.27 -9.72
N GLU A 10 6.51 6.99 -10.09
CA GLU A 10 5.39 6.31 -10.73
C GLU A 10 4.84 5.20 -9.84
N LYS A 11 3.98 5.59 -8.90
CA LYS A 11 3.37 4.64 -7.98
C LYS A 11 4.43 3.72 -7.37
N PRO A 12 5.47 4.32 -6.78
CA PRO A 12 6.57 3.57 -6.16
C PRO A 12 6.13 2.86 -4.89
N TYR A 13 4.95 3.20 -4.41
CA TYR A 13 4.42 2.59 -3.18
C TYR A 13 3.51 1.41 -3.52
N GLY A 14 3.58 0.37 -2.72
CA GLY A 14 2.77 -0.81 -2.94
C GLY A 14 2.20 -1.37 -1.66
N CYS A 15 0.90 -1.15 -1.43
CA CYS A 15 0.24 -1.64 -0.23
C CYS A 15 0.69 -3.06 0.10
N ASN A 16 1.40 -3.21 1.22
CA ASN A 16 1.88 -4.52 1.65
C ASN A 16 0.80 -5.28 2.39
N GLU A 17 -0.44 -5.16 1.91
CA GLU A 17 -1.56 -5.85 2.53
C GLU A 17 -2.40 -6.57 1.49
N CYS A 18 -2.63 -5.90 0.35
CA CYS A 18 -3.42 -6.48 -0.74
C CYS A 18 -2.61 -6.52 -2.03
N GLY A 19 -1.87 -5.45 -2.29
CA GLY A 19 -1.07 -5.38 -3.50
C GLY A 19 -1.45 -4.22 -4.39
N LYS A 20 -2.04 -3.19 -3.78
CA LYS A 20 -2.45 -2.00 -4.54
C LYS A 20 -1.42 -0.89 -4.41
N THR A 21 -1.08 -0.27 -5.54
CA THR A 21 -0.10 0.80 -5.56
C THR A 21 -0.78 2.17 -5.56
N PHE A 22 0.01 3.21 -5.35
CA PHE A 22 -0.52 4.57 -5.33
C PHE A 22 0.56 5.59 -5.69
N SER A 23 0.23 6.50 -6.60
CA SER A 23 1.18 7.52 -7.03
C SER A 23 1.76 8.27 -5.84
N GLN A 24 0.89 8.63 -4.90
CA GLN A 24 1.30 9.35 -3.70
C GLN A 24 0.97 8.57 -2.45
N LYS A 25 1.90 8.55 -1.49
CA LYS A 25 1.70 7.84 -0.23
C LYS A 25 0.47 8.36 0.49
N SER A 26 0.32 9.68 0.52
CA SER A 26 -0.82 10.30 1.19
C SER A 26 -2.08 9.46 1.02
N ILE A 27 -2.23 8.86 -0.16
CA ILE A 27 -3.39 8.03 -0.45
C ILE A 27 -3.24 6.63 0.16
N LEU A 28 -2.10 6.01 -0.10
CA LEU A 28 -1.82 4.67 0.42
C LEU A 28 -2.07 4.62 1.92
N SER A 29 -1.52 5.59 2.64
CA SER A 29 -1.68 5.65 4.10
C SER A 29 -3.10 5.30 4.50
N ALA A 30 -4.06 6.10 4.05
CA ALA A 30 -5.47 5.88 4.36
C ALA A 30 -5.91 4.49 3.92
N HIS A 31 -5.56 4.12 2.69
CA HIS A 31 -5.92 2.81 2.15
C HIS A 31 -5.44 1.69 3.07
N GLN A 32 -4.31 1.91 3.72
CA GLN A 32 -3.74 0.93 4.62
C GLN A 32 -4.55 0.83 5.91
N ARG A 33 -5.15 1.95 6.30
CA ARG A 33 -5.96 2.00 7.52
C ARG A 33 -6.95 0.85 7.56
N THR A 34 -7.47 0.48 6.38
CA THR A 34 -8.44 -0.60 6.27
C THR A 34 -7.74 -1.94 6.04
N HIS A 35 -6.50 -2.05 6.50
CA HIS A 35 -5.73 -3.27 6.33
C HIS A 35 -5.09 -3.70 7.66
N THR A 36 -5.86 -3.59 8.74
CA THR A 36 -5.37 -3.95 10.06
C THR A 36 -6.38 -4.84 10.78
N GLY A 37 -5.95 -6.05 11.13
CA GLY A 37 -6.82 -6.98 11.83
C GLY A 37 -7.57 -7.90 10.88
N GLU A 38 -6.85 -8.42 9.89
CA GLU A 38 -7.46 -9.32 8.91
C GLU A 38 -6.71 -10.65 8.85
N LYS A 39 -6.94 -11.50 9.85
CA LYS A 39 -6.28 -12.80 9.92
C LYS A 39 -6.82 -13.62 11.08
N PRO A 40 -6.92 -14.94 10.89
CA PRO A 40 -7.42 -15.86 11.92
C PRO A 40 -6.44 -16.00 13.09
N SER A 41 -6.63 -15.18 14.11
CA SER A 41 -5.76 -15.21 15.29
C SER A 41 -5.76 -16.60 15.91
N GLY A 42 -4.61 -17.27 15.85
CA GLY A 42 -4.50 -18.60 16.41
C GLY A 42 -3.59 -19.51 15.60
N PRO A 43 -3.51 -20.79 16.00
CA PRO A 43 -2.67 -21.78 15.31
C PRO A 43 -3.23 -22.15 13.93
N SER A 44 -2.33 -22.37 12.98
CA SER A 44 -2.73 -22.73 11.63
C SER A 44 -2.59 -24.23 11.40
N SER A 45 -3.73 -24.92 11.26
CA SER A 45 -3.73 -26.36 11.04
C SER A 45 -3.16 -26.70 9.67
N GLY A 46 -2.53 -27.86 9.57
CA GLY A 46 -1.95 -28.29 8.31
C GLY A 46 -0.69 -27.52 7.96
ZN ZN B . -4.41 -2.53 0.41
N GLY A 1 20.59 13.49 -20.85
CA GLY A 1 20.24 14.78 -20.31
C GLY A 1 20.91 15.07 -18.98
N SER A 2 20.42 16.08 -18.28
CA SER A 2 20.99 16.46 -16.98
C SER A 2 20.41 15.60 -15.86
N SER A 3 21.12 15.53 -14.75
CA SER A 3 20.68 14.74 -13.61
C SER A 3 19.43 15.36 -12.96
N GLY A 4 18.27 15.02 -13.49
CA GLY A 4 17.03 15.55 -12.97
C GLY A 4 16.60 14.86 -11.67
N SER A 5 15.60 15.42 -11.01
CA SER A 5 15.11 14.86 -9.75
C SER A 5 14.12 13.73 -10.01
N SER A 6 13.19 13.97 -10.93
CA SER A 6 12.18 12.98 -11.29
C SER A 6 12.45 12.40 -12.67
N GLY A 7 11.82 11.25 -12.95
CA GLY A 7 11.99 10.62 -14.24
C GLY A 7 11.04 9.47 -14.45
N SER A 8 11.15 8.44 -13.62
CA SER A 8 10.29 7.27 -13.72
C SER A 8 9.77 6.85 -12.35
N GLY A 9 8.62 6.18 -12.33
CA GLY A 9 8.04 5.74 -11.08
C GLY A 9 6.62 6.23 -10.90
N GLU A 10 5.69 5.69 -11.69
CA GLU A 10 4.30 6.09 -11.61
C GLU A 10 3.76 5.92 -10.19
N LYS A 11 3.89 4.71 -9.65
CA LYS A 11 3.42 4.43 -8.30
C LYS A 11 4.49 3.68 -7.51
N PRO A 12 5.46 4.43 -6.97
CA PRO A 12 6.55 3.85 -6.18
C PRO A 12 6.07 3.33 -4.83
N TYR A 13 4.78 3.44 -4.59
CA TYR A 13 4.20 2.98 -3.33
C TYR A 13 3.32 1.75 -3.55
N GLY A 14 3.67 0.66 -2.87
CA GLY A 14 2.90 -0.56 -3.00
C GLY A 14 2.34 -1.04 -1.67
N CYS A 15 1.06 -1.44 -1.69
CA CYS A 15 0.40 -1.92 -0.49
C CYS A 15 0.82 -3.36 -0.17
N ASN A 16 1.76 -3.51 0.75
CA ASN A 16 2.24 -4.82 1.14
C ASN A 16 1.10 -5.71 1.63
N GLU A 17 0.06 -5.07 2.15
CA GLU A 17 -1.11 -5.79 2.65
C GLU A 17 -1.77 -6.59 1.54
N CYS A 18 -2.31 -5.89 0.55
CA CYS A 18 -2.98 -6.53 -0.58
C CYS A 18 -2.11 -6.47 -1.82
N GLY A 19 -1.53 -5.30 -2.09
CA GLY A 19 -0.68 -5.14 -3.25
C GLY A 19 -0.94 -3.83 -3.98
N LYS A 20 -2.19 -3.37 -3.93
CA LYS A 20 -2.56 -2.13 -4.59
C LYS A 20 -1.50 -1.05 -4.39
N THR A 21 -1.10 -0.41 -5.48
CA THR A 21 -0.10 0.64 -5.42
C THR A 21 -0.73 2.03 -5.55
N PHE A 22 0.03 3.05 -5.17
CA PHE A 22 -0.46 4.43 -5.25
C PHE A 22 0.64 5.37 -5.70
N SER A 23 0.26 6.56 -6.15
CA SER A 23 1.21 7.56 -6.61
C SER A 23 1.99 8.15 -5.44
N GLN A 24 1.28 8.44 -4.36
CA GLN A 24 1.91 9.01 -3.17
C GLN A 24 1.51 8.23 -1.92
N LYS A 25 2.25 8.44 -0.84
CA LYS A 25 1.99 7.77 0.42
C LYS A 25 0.75 8.35 1.11
N SER A 26 0.62 9.68 1.04
CA SER A 26 -0.51 10.36 1.66
C SER A 26 -1.81 9.61 1.39
N ILE A 27 -1.92 9.04 0.20
CA ILE A 27 -3.11 8.29 -0.18
C ILE A 27 -3.04 6.85 0.32
N LEU A 28 -2.01 6.13 -0.09
CA LEU A 28 -1.83 4.74 0.33
C LEU A 28 -2.06 4.59 1.83
N SER A 29 -1.69 5.61 2.58
CA SER A 29 -1.85 5.59 4.03
C SER A 29 -3.30 5.32 4.41
N ALA A 30 -4.20 6.16 3.90
CA ALA A 30 -5.62 6.01 4.18
C ALA A 30 -6.15 4.66 3.70
N HIS A 31 -5.55 4.15 2.63
CA HIS A 31 -5.96 2.87 2.06
C HIS A 31 -5.54 1.71 2.99
N GLN A 32 -4.50 1.95 3.78
CA GLN A 32 -4.01 0.94 4.71
C GLN A 32 -4.82 0.92 5.99
N ARG A 33 -5.54 2.01 6.25
CA ARG A 33 -6.38 2.12 7.44
C ARG A 33 -7.44 1.02 7.46
N THR A 34 -7.90 0.63 6.28
CA THR A 34 -8.92 -0.40 6.16
C THR A 34 -8.30 -1.78 5.95
N HIS A 35 -7.03 -1.91 6.34
CA HIS A 35 -6.31 -3.17 6.20
C HIS A 35 -5.92 -3.73 7.55
N THR A 36 -5.29 -2.90 8.38
CA THR A 36 -4.86 -3.32 9.71
C THR A 36 -5.76 -2.72 10.79
N GLY A 37 -5.78 -3.37 11.96
CA GLY A 37 -6.61 -2.89 13.04
C GLY A 37 -7.50 -3.98 13.62
N GLU A 38 -8.06 -4.80 12.74
CA GLU A 38 -8.93 -5.88 13.17
C GLU A 38 -9.17 -6.87 12.03
N LYS A 39 -8.86 -8.15 12.28
CA LYS A 39 -9.03 -9.19 11.29
C LYS A 39 -10.32 -8.97 10.49
N PRO A 40 -10.27 -9.32 9.19
CA PRO A 40 -11.42 -9.17 8.30
C PRO A 40 -12.53 -10.15 8.62
N SER A 41 -13.60 -9.65 9.24
CA SER A 41 -14.73 -10.48 9.61
C SER A 41 -15.10 -11.43 8.48
N GLY A 42 -14.89 -12.72 8.69
CA GLY A 42 -15.20 -13.72 7.68
C GLY A 42 -14.34 -14.96 7.80
N PRO A 43 -14.93 -16.12 7.46
CA PRO A 43 -14.23 -17.40 7.52
C PRO A 43 -13.15 -17.53 6.46
N SER A 44 -12.03 -18.13 6.83
CA SER A 44 -10.91 -18.31 5.91
C SER A 44 -10.80 -19.77 5.47
N SER A 45 -11.66 -20.15 4.53
CA SER A 45 -11.68 -21.51 4.01
C SER A 45 -12.27 -21.57 2.61
N GLY A 46 -11.62 -22.33 1.73
CA GLY A 46 -12.11 -22.45 0.36
C GLY A 46 -12.05 -21.13 -0.39
ZN ZN B . -4.25 -2.53 0.26
N GLY A 1 22.20 -7.85 -6.89
CA GLY A 1 20.80 -7.52 -6.71
C GLY A 1 20.31 -6.51 -7.74
N SER A 2 20.84 -5.30 -7.67
CA SER A 2 20.45 -4.24 -8.60
C SER A 2 21.64 -3.39 -8.99
N SER A 3 21.42 -2.44 -9.88
CA SER A 3 22.48 -1.54 -10.34
C SER A 3 21.90 -0.38 -11.15
N GLY A 4 22.52 0.79 -11.01
CA GLY A 4 22.07 1.96 -11.72
C GLY A 4 21.26 2.89 -10.85
N SER A 5 21.44 4.19 -11.04
CA SER A 5 20.73 5.20 -10.25
C SER A 5 19.23 5.13 -10.53
N SER A 6 18.44 5.70 -9.62
CA SER A 6 16.98 5.71 -9.77
C SER A 6 16.36 6.78 -8.89
N GLY A 7 15.23 7.32 -9.34
CA GLY A 7 14.55 8.36 -8.58
C GLY A 7 13.34 8.91 -9.32
N SER A 8 12.28 8.11 -9.40
CA SER A 8 11.06 8.53 -10.09
C SER A 8 9.84 7.91 -9.44
N GLY A 9 8.76 8.69 -9.37
CA GLY A 9 7.53 8.20 -8.77
C GLY A 9 6.89 7.08 -9.57
N GLU A 10 5.69 7.34 -10.09
CA GLU A 10 4.98 6.34 -10.88
C GLU A 10 4.43 5.24 -9.98
N LYS A 11 3.82 5.64 -8.87
CA LYS A 11 3.25 4.68 -7.93
C LYS A 11 4.33 3.77 -7.35
N PRO A 12 5.38 4.38 -6.79
CA PRO A 12 6.50 3.64 -6.19
C PRO A 12 6.09 2.93 -4.90
N TYR A 13 4.92 3.26 -4.39
CA TYR A 13 4.42 2.66 -3.16
C TYR A 13 3.52 1.46 -3.47
N GLY A 14 3.68 0.39 -2.71
CA GLY A 14 2.87 -0.79 -2.91
C GLY A 14 2.29 -1.33 -1.62
N CYS A 15 0.97 -1.24 -1.49
CA CYS A 15 0.29 -1.71 -0.29
C CYS A 15 0.72 -3.14 0.05
N ASN A 16 1.47 -3.29 1.13
CA ASN A 16 1.95 -4.59 1.57
C ASN A 16 0.86 -5.35 2.34
N GLU A 17 -0.37 -5.27 1.84
CA GLU A 17 -1.50 -5.94 2.48
C GLU A 17 -2.35 -6.67 1.46
N CYS A 18 -2.61 -6.02 0.33
CA CYS A 18 -3.41 -6.62 -0.73
C CYS A 18 -2.60 -6.73 -2.02
N GLY A 19 -1.79 -5.71 -2.31
CA GLY A 19 -0.99 -5.72 -3.51
C GLY A 19 -1.31 -4.56 -4.43
N LYS A 20 -1.84 -3.48 -3.85
CA LYS A 20 -2.19 -2.30 -4.63
C LYS A 20 -1.06 -1.27 -4.60
N THR A 21 -1.19 -0.24 -5.43
CA THR A 21 -0.18 0.81 -5.51
C THR A 21 -0.82 2.19 -5.56
N PHE A 22 -0.03 3.22 -5.28
CA PHE A 22 -0.53 4.59 -5.29
C PHE A 22 0.58 5.57 -5.66
N SER A 23 0.26 6.54 -6.51
CA SER A 23 1.23 7.53 -6.95
C SER A 23 1.87 8.22 -5.76
N GLN A 24 1.05 8.60 -4.79
CA GLN A 24 1.55 9.27 -3.59
C GLN A 24 1.23 8.47 -2.34
N LYS A 25 2.13 8.52 -1.37
CA LYS A 25 1.94 7.79 -0.11
C LYS A 25 0.72 8.30 0.64
N SER A 26 0.52 9.61 0.62
CA SER A 26 -0.61 10.22 1.30
C SER A 26 -1.87 9.38 1.12
N ILE A 27 -2.16 9.02 -0.12
CA ILE A 27 -3.34 8.21 -0.42
C ILE A 27 -3.21 6.81 0.16
N LEU A 28 -2.06 6.18 -0.09
CA LEU A 28 -1.80 4.83 0.41
C LEU A 28 -2.09 4.74 1.90
N SER A 29 -1.59 5.70 2.66
CA SER A 29 -1.79 5.73 4.10
C SER A 29 -3.23 5.40 4.45
N ALA A 30 -4.16 6.19 3.91
CA ALA A 30 -5.59 5.99 4.17
C ALA A 30 -6.02 4.60 3.73
N HIS A 31 -5.48 4.13 2.60
CA HIS A 31 -5.83 2.82 2.07
C HIS A 31 -5.37 1.71 3.02
N GLN A 32 -4.31 2.00 3.78
CA GLN A 32 -3.77 1.03 4.73
C GLN A 32 -4.63 0.94 5.98
N ARG A 33 -5.33 2.04 6.28
CA ARG A 33 -6.20 2.10 7.45
C ARG A 33 -7.15 0.90 7.47
N THR A 34 -7.67 0.54 6.30
CA THR A 34 -8.59 -0.58 6.20
C THR A 34 -7.85 -1.90 6.02
N HIS A 35 -6.61 -1.94 6.52
CA HIS A 35 -5.79 -3.14 6.43
C HIS A 35 -5.21 -3.52 7.79
N THR A 36 -4.48 -2.60 8.39
CA THR A 36 -3.87 -2.83 9.70
C THR A 36 -4.76 -3.71 10.56
N GLY A 37 -4.18 -4.77 11.12
CA GLY A 37 -4.95 -5.67 11.96
C GLY A 37 -4.17 -6.93 12.32
N GLU A 38 -3.80 -7.07 13.58
CA GLU A 38 -3.05 -8.23 14.04
C GLU A 38 -1.62 -8.20 13.51
N LYS A 39 -1.01 -7.01 13.57
CA LYS A 39 0.36 -6.85 13.09
C LYS A 39 1.36 -7.05 14.24
N PRO A 40 2.51 -7.66 13.93
CA PRO A 40 3.56 -7.92 14.91
C PRO A 40 4.25 -6.64 15.37
N SER A 41 5.27 -6.80 16.20
CA SER A 41 6.02 -5.66 16.72
C SER A 41 7.33 -5.47 15.95
N GLY A 42 7.51 -4.27 15.38
CA GLY A 42 8.72 -3.98 14.64
C GLY A 42 9.82 -3.41 15.51
N PRO A 43 11.08 -3.73 15.18
CA PRO A 43 12.24 -3.25 15.92
C PRO A 43 12.47 -1.75 15.73
N SER A 44 12.47 -1.32 14.47
CA SER A 44 12.69 0.09 14.14
C SER A 44 11.74 0.97 14.94
N SER A 45 12.21 2.17 15.29
CA SER A 45 11.41 3.12 16.05
C SER A 45 11.29 4.45 15.31
N GLY A 46 10.32 5.26 15.71
CA GLY A 46 10.11 6.56 15.09
C GLY A 46 9.13 7.43 15.85
ZN ZN B . -4.27 -2.63 0.33
N GLY A 1 1.81 -11.65 -19.82
CA GLY A 1 2.75 -10.90 -19.02
C GLY A 1 2.53 -9.41 -19.10
N SER A 2 2.10 -8.82 -17.99
CA SER A 2 1.84 -7.39 -17.94
C SER A 2 3.13 -6.60 -17.70
N SER A 3 3.94 -7.08 -16.76
CA SER A 3 5.20 -6.43 -16.43
C SER A 3 5.97 -6.06 -17.71
N GLY A 4 6.58 -4.89 -17.71
CA GLY A 4 7.33 -4.44 -18.87
C GLY A 4 8.31 -3.34 -18.53
N SER A 5 7.84 -2.33 -17.81
CA SER A 5 8.67 -1.20 -17.44
C SER A 5 8.72 -1.04 -15.91
N SER A 6 9.92 -0.85 -15.39
CA SER A 6 10.10 -0.68 -13.95
C SER A 6 9.30 0.50 -13.42
N GLY A 7 8.28 0.21 -12.62
CA GLY A 7 7.45 1.26 -12.06
C GLY A 7 8.11 1.96 -10.88
N SER A 8 9.36 2.34 -11.06
CA SER A 8 10.11 3.02 -9.99
C SER A 8 10.04 4.53 -10.17
N GLY A 9 8.92 5.12 -9.77
CA GLY A 9 8.75 6.55 -9.88
C GLY A 9 7.29 6.97 -9.88
N GLU A 10 6.51 6.39 -10.80
CA GLU A 10 5.09 6.71 -10.89
C GLU A 10 4.34 6.25 -9.65
N LYS A 11 4.43 4.97 -9.35
CA LYS A 11 3.76 4.40 -8.18
C LYS A 11 4.75 3.65 -7.30
N PRO A 12 5.67 4.41 -6.68
CA PRO A 12 6.69 3.85 -5.79
C PRO A 12 6.10 3.33 -4.48
N TYR A 13 4.78 3.49 -4.33
CA TYR A 13 4.10 3.04 -3.13
C TYR A 13 3.21 1.83 -3.43
N GLY A 14 3.32 0.80 -2.60
CA GLY A 14 2.52 -0.40 -2.80
C GLY A 14 2.01 -0.96 -1.49
N CYS A 15 0.70 -1.20 -1.43
CA CYS A 15 0.07 -1.73 -0.23
C CYS A 15 0.30 -3.24 -0.14
N ASN A 16 1.54 -3.64 0.08
CA ASN A 16 1.89 -5.05 0.18
C ASN A 16 0.77 -5.84 0.85
N GLU A 17 0.12 -5.21 1.83
CA GLU A 17 -0.97 -5.85 2.56
C GLU A 17 -1.90 -6.60 1.59
N CYS A 18 -2.34 -5.91 0.55
CA CYS A 18 -3.23 -6.52 -0.44
C CYS A 18 -2.52 -6.68 -1.77
N GLY A 19 -1.68 -5.70 -2.12
CA GLY A 19 -0.95 -5.76 -3.37
C GLY A 19 -1.34 -4.64 -4.31
N LYS A 20 -1.84 -3.54 -3.76
CA LYS A 20 -2.25 -2.39 -4.56
C LYS A 20 -1.10 -1.40 -4.73
N THR A 21 -1.35 -0.34 -5.49
CA THR A 21 -0.34 0.68 -5.73
C THR A 21 -0.93 2.08 -5.64
N PHE A 22 -0.09 3.06 -5.37
CA PHE A 22 -0.53 4.45 -5.26
C PHE A 22 0.60 5.42 -5.61
N SER A 23 0.30 6.37 -6.50
CA SER A 23 1.29 7.35 -6.92
C SER A 23 1.94 8.01 -5.71
N GLN A 24 1.13 8.40 -4.74
CA GLN A 24 1.63 9.04 -3.54
C GLN A 24 1.23 8.26 -2.28
N LYS A 25 1.97 8.46 -1.21
CA LYS A 25 1.69 7.77 0.05
C LYS A 25 0.44 8.35 0.71
N SER A 26 0.33 9.67 0.72
CA SER A 26 -0.82 10.33 1.33
C SER A 26 -2.10 9.53 1.08
N ILE A 27 -2.22 8.96 -0.11
CA ILE A 27 -3.38 8.17 -0.47
C ILE A 27 -3.30 6.76 0.10
N LEU A 28 -2.16 6.11 -0.12
CA LEU A 28 -1.94 4.74 0.38
C LEU A 28 -2.19 4.67 1.88
N SER A 29 -1.50 5.53 2.63
CA SER A 29 -1.65 5.57 4.08
C SER A 29 -3.11 5.42 4.49
N ALA A 30 -3.97 6.21 3.85
CA ALA A 30 -5.40 6.17 4.14
C ALA A 30 -6.01 4.83 3.75
N HIS A 31 -5.45 4.22 2.70
CA HIS A 31 -5.94 2.93 2.22
C HIS A 31 -5.48 1.81 3.15
N GLN A 32 -4.38 2.03 3.86
CA GLN A 32 -3.84 1.04 4.77
C GLN A 32 -4.65 1.00 6.07
N ARG A 33 -5.38 2.07 6.34
CA ARG A 33 -6.20 2.15 7.54
C ARG A 33 -7.16 0.97 7.63
N THR A 34 -7.75 0.61 6.51
CA THR A 34 -8.69 -0.51 6.47
C THR A 34 -7.96 -1.84 6.31
N HIS A 35 -6.68 -1.84 6.65
CA HIS A 35 -5.87 -3.05 6.56
C HIS A 35 -5.26 -3.42 7.92
N THR A 36 -6.08 -3.32 8.96
CA THR A 36 -5.63 -3.63 10.31
C THR A 36 -6.37 -4.85 10.87
N GLY A 37 -7.70 -4.83 10.73
CA GLY A 37 -8.49 -5.94 11.22
C GLY A 37 -9.98 -5.63 11.19
N GLU A 38 -10.79 -6.66 10.94
CA GLU A 38 -12.23 -6.49 10.89
C GLU A 38 -12.93 -7.38 11.92
N LYS A 39 -13.46 -6.77 12.95
CA LYS A 39 -14.15 -7.50 14.01
C LYS A 39 -15.33 -8.28 13.45
N PRO A 40 -15.57 -9.48 14.01
CA PRO A 40 -16.67 -10.35 13.57
C PRO A 40 -18.03 -9.79 13.95
N SER A 41 -18.03 -8.62 14.58
CA SER A 41 -19.28 -7.99 15.00
C SER A 41 -20.35 -8.15 13.94
N GLY A 42 -21.15 -9.20 14.07
CA GLY A 42 -22.21 -9.44 13.11
C GLY A 42 -23.59 -9.47 13.75
N PRO A 43 -24.06 -10.68 14.09
CA PRO A 43 -25.37 -10.87 14.73
C PRO A 43 -25.40 -10.35 16.16
N SER A 44 -26.53 -9.76 16.54
CA SER A 44 -26.68 -9.21 17.89
C SER A 44 -28.15 -9.17 18.28
N SER A 45 -28.42 -9.24 19.59
CA SER A 45 -29.77 -9.21 20.10
C SER A 45 -30.29 -7.78 20.22
N GLY A 46 -30.02 -6.97 19.19
CA GLY A 46 -30.45 -5.59 19.21
C GLY A 46 -31.24 -5.23 17.96
ZN ZN B . -4.34 -2.59 0.64
N GLY A 1 16.25 -2.92 -12.37
CA GLY A 1 16.82 -2.25 -13.52
C GLY A 1 15.87 -1.27 -14.16
N SER A 2 14.80 -1.80 -14.75
CA SER A 2 13.81 -0.96 -15.42
C SER A 2 12.94 -0.23 -14.39
N SER A 3 13.44 0.92 -13.92
CA SER A 3 12.73 1.71 -12.93
C SER A 3 12.58 3.15 -13.41
N GLY A 4 11.76 3.92 -12.71
CA GLY A 4 11.54 5.31 -13.07
C GLY A 4 12.47 6.25 -12.34
N SER A 5 13.76 5.91 -12.34
CA SER A 5 14.76 6.73 -11.66
C SER A 5 14.62 8.19 -12.06
N SER A 6 14.44 8.44 -13.34
CA SER A 6 14.29 9.80 -13.85
C SER A 6 12.83 10.08 -14.21
N GLY A 7 12.53 11.36 -14.48
CA GLY A 7 11.18 11.74 -14.84
C GLY A 7 10.29 11.92 -13.63
N SER A 8 9.46 10.91 -13.35
CA SER A 8 8.56 10.97 -12.21
C SER A 8 8.21 9.57 -11.73
N GLY A 9 7.91 9.45 -10.43
CA GLY A 9 7.56 8.16 -9.87
C GLY A 9 6.12 7.78 -10.13
N GLU A 10 5.90 6.86 -11.06
CA GLU A 10 4.56 6.42 -11.40
C GLU A 10 4.11 5.28 -10.48
N LYS A 11 3.43 5.62 -9.40
CA LYS A 11 2.96 4.63 -8.45
C LYS A 11 4.11 3.88 -7.82
N PRO A 12 5.07 4.62 -7.24
CA PRO A 12 6.24 4.04 -6.58
C PRO A 12 5.89 3.30 -5.30
N TYR A 13 4.72 3.62 -4.74
CA TYR A 13 4.28 3.00 -3.51
C TYR A 13 3.43 1.76 -3.80
N GLY A 14 3.58 0.74 -2.96
CA GLY A 14 2.83 -0.49 -3.16
C GLY A 14 2.36 -1.09 -1.84
N CYS A 15 1.05 -1.21 -1.69
CA CYS A 15 0.46 -1.77 -0.47
C CYS A 15 0.94 -3.20 -0.26
N ASN A 16 1.61 -3.44 0.86
CA ASN A 16 2.11 -4.77 1.19
C ASN A 16 0.99 -5.65 1.73
N GLU A 17 -0.06 -5.03 2.25
CA GLU A 17 -1.20 -5.76 2.81
C GLU A 17 -1.87 -6.59 1.72
N CYS A 18 -2.39 -5.91 0.70
CA CYS A 18 -3.08 -6.59 -0.40
C CYS A 18 -2.15 -6.73 -1.61
N GLY A 19 -1.50 -5.63 -1.97
CA GLY A 19 -0.60 -5.65 -3.11
C GLY A 19 -0.94 -4.58 -4.14
N LYS A 20 -1.64 -3.54 -3.71
CA LYS A 20 -2.03 -2.46 -4.59
C LYS A 20 -0.90 -1.45 -4.75
N THR A 21 -1.13 -0.43 -5.58
CA THR A 21 -0.13 0.61 -5.80
C THR A 21 -0.75 2.00 -5.71
N PHE A 22 0.05 2.96 -5.25
CA PHE A 22 -0.43 4.34 -5.12
C PHE A 22 0.64 5.32 -5.59
N SER A 23 0.18 6.48 -6.07
CA SER A 23 1.09 7.51 -6.57
C SER A 23 1.96 8.06 -5.44
N GLN A 24 1.34 8.29 -4.28
CA GLN A 24 2.05 8.82 -3.13
C GLN A 24 1.65 8.07 -1.86
N LYS A 25 2.32 8.42 -0.74
CA LYS A 25 2.03 7.78 0.53
C LYS A 25 0.72 8.29 1.12
N SER A 26 0.60 9.61 1.24
CA SER A 26 -0.60 10.23 1.78
C SER A 26 -1.84 9.45 1.37
N ILE A 27 -1.84 8.97 0.13
CA ILE A 27 -2.96 8.21 -0.40
C ILE A 27 -2.97 6.78 0.14
N LEU A 28 -1.87 6.07 -0.09
CA LEU A 28 -1.74 4.69 0.37
C LEU A 28 -2.03 4.58 1.86
N SER A 29 -1.32 5.37 2.66
CA SER A 29 -1.52 5.36 4.10
C SER A 29 -2.99 5.25 4.46
N ALA A 30 -3.80 6.17 3.93
CA ALA A 30 -5.23 6.18 4.19
C ALA A 30 -5.86 4.84 3.82
N HIS A 31 -5.45 4.29 2.68
CA HIS A 31 -5.96 3.00 2.21
C HIS A 31 -5.67 1.90 3.22
N GLN A 32 -4.52 1.99 3.87
CA GLN A 32 -4.11 1.00 4.85
C GLN A 32 -5.08 0.98 6.03
N ARG A 33 -5.75 2.10 6.27
CA ARG A 33 -6.70 2.21 7.37
C ARG A 33 -7.77 1.14 7.27
N THR A 34 -8.02 0.66 6.04
CA THR A 34 -9.02 -0.37 5.82
C THR A 34 -8.38 -1.75 5.77
N HIS A 35 -7.22 -1.88 6.41
CA HIS A 35 -6.51 -3.16 6.44
C HIS A 35 -6.29 -3.61 7.88
N THR A 36 -7.31 -3.46 8.71
CA THR A 36 -7.22 -3.85 10.11
C THR A 36 -8.61 -4.05 10.72
N GLY A 37 -8.81 -5.20 11.36
CA GLY A 37 -10.09 -5.49 11.97
C GLY A 37 -10.18 -4.99 13.40
N GLU A 38 -9.14 -5.26 14.18
CA GLU A 38 -9.11 -4.84 15.58
C GLU A 38 -9.28 -3.33 15.69
N LYS A 39 -10.43 -2.90 16.20
CA LYS A 39 -10.71 -1.48 16.37
C LYS A 39 -11.21 -1.18 17.78
N PRO A 40 -10.83 -0.01 18.32
CA PRO A 40 -11.22 0.41 19.66
C PRO A 40 -12.71 0.76 19.74
N SER A 41 -13.28 1.17 18.61
CA SER A 41 -14.69 1.53 18.55
C SER A 41 -15.58 0.30 18.69
N GLY A 42 -16.64 0.42 19.48
CA GLY A 42 -17.54 -0.69 19.67
C GLY A 42 -18.21 -0.66 21.04
N PRO A 43 -19.05 0.36 21.27
CA PRO A 43 -19.77 0.52 22.55
C PRO A 43 -20.83 -0.55 22.75
N SER A 44 -21.31 -1.12 21.65
CA SER A 44 -22.34 -2.15 21.70
C SER A 44 -22.17 -3.16 20.57
N SER A 45 -22.78 -4.33 20.73
CA SER A 45 -22.68 -5.38 19.72
C SER A 45 -24.05 -5.61 19.06
N GLY A 46 -24.75 -4.52 18.75
CA GLY A 46 -26.04 -4.63 18.13
C GLY A 46 -25.97 -4.53 16.61
ZN ZN B . -4.13 -2.57 0.48
N GLY A 1 22.25 9.87 -25.97
CA GLY A 1 21.10 9.41 -25.21
C GLY A 1 20.47 10.52 -24.38
N SER A 2 19.14 10.58 -24.38
CA SER A 2 18.42 11.60 -23.64
C SER A 2 17.61 10.98 -22.51
N SER A 3 18.20 10.01 -21.82
CA SER A 3 17.52 9.33 -20.72
C SER A 3 18.53 8.58 -19.84
N GLY A 4 18.40 8.77 -18.54
CA GLY A 4 19.30 8.12 -17.60
C GLY A 4 19.09 8.58 -16.18
N SER A 5 20.03 9.35 -15.65
CA SER A 5 19.95 9.85 -14.29
C SER A 5 18.75 10.80 -14.13
N SER A 6 17.61 10.24 -13.77
CA SER A 6 16.39 11.03 -13.59
C SER A 6 15.27 10.17 -13.00
N GLY A 7 14.17 10.82 -12.65
CA GLY A 7 13.04 10.11 -12.07
C GLY A 7 11.91 11.03 -11.68
N SER A 8 10.69 10.69 -12.10
CA SER A 8 9.52 11.50 -11.78
C SER A 8 8.71 10.87 -10.65
N GLY A 9 8.46 9.57 -10.77
CA GLY A 9 7.69 8.87 -9.75
C GLY A 9 6.35 8.37 -10.27
N GLU A 10 6.25 7.06 -10.43
CA GLU A 10 5.01 6.46 -10.93
C GLU A 10 4.52 5.36 -9.99
N LYS A 11 3.73 5.75 -9.00
CA LYS A 11 3.19 4.80 -8.03
C LYS A 11 4.31 3.97 -7.40
N PRO A 12 5.33 4.65 -6.87
CA PRO A 12 6.48 4.00 -6.23
C PRO A 12 6.11 3.33 -4.91
N TYR A 13 4.91 3.63 -4.43
CA TYR A 13 4.44 3.06 -3.16
C TYR A 13 3.51 1.87 -3.42
N GLY A 14 3.84 0.73 -2.85
CA GLY A 14 3.04 -0.46 -3.04
C GLY A 14 2.61 -1.07 -1.71
N CYS A 15 1.32 -1.37 -1.60
CA CYS A 15 0.78 -1.97 -0.38
C CYS A 15 1.21 -3.42 -0.25
N ASN A 16 1.21 -3.93 0.99
CA ASN A 16 1.60 -5.31 1.25
C ASN A 16 0.40 -6.15 1.65
N GLU A 17 -0.61 -5.50 2.24
CA GLU A 17 -1.81 -6.19 2.66
C GLU A 17 -2.54 -6.81 1.47
N CYS A 18 -2.72 -6.01 0.42
CA CYS A 18 -3.40 -6.47 -0.78
C CYS A 18 -2.44 -6.53 -1.96
N GLY A 19 -1.66 -5.47 -2.14
CA GLY A 19 -0.70 -5.42 -3.23
C GLY A 19 -1.03 -4.35 -4.25
N LYS A 20 -1.72 -3.31 -3.80
CA LYS A 20 -2.09 -2.20 -4.67
C LYS A 20 -1.13 -1.03 -4.52
N THR A 21 -0.74 -0.44 -5.64
CA THR A 21 0.18 0.69 -5.63
C THR A 21 -0.58 2.01 -5.73
N PHE A 22 0.05 3.09 -5.25
CA PHE A 22 -0.56 4.41 -5.28
C PHE A 22 0.44 5.47 -5.71
N SER A 23 -0.01 6.43 -6.51
CA SER A 23 0.85 7.50 -7.00
C SER A 23 1.62 8.14 -5.85
N GLN A 24 0.90 8.50 -4.78
CA GLN A 24 1.51 9.13 -3.62
C GLN A 24 1.20 8.34 -2.35
N LYS A 25 2.10 8.41 -1.38
CA LYS A 25 1.92 7.70 -0.12
C LYS A 25 0.72 8.25 0.65
N SER A 26 0.41 9.53 0.42
CA SER A 26 -0.71 10.18 1.09
C SER A 26 -1.99 9.36 0.92
N ILE A 27 -2.17 8.80 -0.27
CA ILE A 27 -3.35 8.00 -0.56
C ILE A 27 -3.24 6.60 0.05
N LEU A 28 -2.06 6.01 -0.06
CA LEU A 28 -1.81 4.69 0.49
C LEU A 28 -2.08 4.66 2.00
N SER A 29 -1.49 5.61 2.72
CA SER A 29 -1.67 5.69 4.15
C SER A 29 -3.11 5.39 4.55
N ALA A 30 -4.04 6.20 4.03
CA ALA A 30 -5.45 6.02 4.32
C ALA A 30 -5.93 4.64 3.89
N HIS A 31 -5.39 4.15 2.78
CA HIS A 31 -5.77 2.84 2.26
C HIS A 31 -5.26 1.73 3.18
N GLN A 32 -4.29 2.06 4.01
CA GLN A 32 -3.71 1.09 4.94
C GLN A 32 -4.52 1.03 6.23
N ARG A 33 -5.33 2.05 6.47
CA ARG A 33 -6.15 2.11 7.68
C ARG A 33 -7.23 1.05 7.65
N THR A 34 -7.72 0.74 6.44
CA THR A 34 -8.76 -0.27 6.28
C THR A 34 -8.17 -1.66 6.13
N HIS A 35 -6.92 -1.81 6.54
CA HIS A 35 -6.24 -3.11 6.45
C HIS A 35 -5.98 -3.67 7.85
N THR A 36 -7.00 -4.27 8.43
CA THR A 36 -6.89 -4.86 9.76
C THR A 36 -7.49 -6.26 9.80
N GLY A 37 -6.63 -7.27 9.76
CA GLY A 37 -7.10 -8.64 9.79
C GLY A 37 -7.53 -9.15 8.43
N GLU A 38 -6.69 -8.91 7.42
CA GLU A 38 -6.99 -9.34 6.06
C GLU A 38 -5.77 -9.96 5.40
N LYS A 39 -5.79 -11.29 5.28
CA LYS A 39 -4.68 -12.01 4.67
C LYS A 39 -4.78 -11.98 3.14
N PRO A 40 -3.62 -12.07 2.47
CA PRO A 40 -3.55 -12.05 1.00
C PRO A 40 -4.12 -13.32 0.38
N SER A 41 -5.11 -13.15 -0.49
CA SER A 41 -5.74 -14.29 -1.16
C SER A 41 -4.74 -15.04 -2.03
N GLY A 42 -4.11 -16.06 -1.46
CA GLY A 42 -3.14 -16.84 -2.20
C GLY A 42 -3.78 -17.97 -2.99
N PRO A 43 -2.94 -18.86 -3.53
CA PRO A 43 -3.41 -20.01 -4.32
C PRO A 43 -4.12 -21.05 -3.46
N SER A 44 -4.26 -20.75 -2.17
CA SER A 44 -4.92 -21.67 -1.25
C SER A 44 -6.27 -22.11 -1.80
N SER A 45 -6.34 -23.33 -2.30
CA SER A 45 -7.57 -23.88 -2.86
C SER A 45 -8.57 -24.20 -1.75
N GLY A 46 -9.85 -24.12 -2.07
CA GLY A 46 -10.89 -24.41 -1.10
C GLY A 46 -12.25 -23.94 -1.55
ZN ZN B . -3.80 -2.69 0.58
N GLY A 1 3.23 -5.51 -23.35
CA GLY A 1 4.55 -4.96 -23.15
C GLY A 1 4.55 -3.45 -22.99
N SER A 2 5.27 -2.96 -21.99
CA SER A 2 5.33 -1.52 -21.73
C SER A 2 6.46 -1.20 -20.75
N SER A 3 7.51 -0.56 -21.26
CA SER A 3 8.65 -0.19 -20.44
C SER A 3 9.07 1.26 -20.71
N GLY A 4 9.79 1.84 -19.75
CA GLY A 4 10.26 3.21 -19.90
C GLY A 4 9.99 4.05 -18.67
N SER A 5 11.02 4.26 -17.87
CA SER A 5 10.90 5.05 -16.65
C SER A 5 10.11 6.33 -16.91
N SER A 6 9.49 6.86 -15.85
CA SER A 6 8.71 8.08 -15.96
C SER A 6 9.53 9.30 -15.56
N GLY A 7 9.97 9.31 -14.31
CA GLY A 7 10.76 10.43 -13.81
C GLY A 7 10.21 11.01 -12.53
N SER A 8 8.96 11.46 -12.57
CA SER A 8 8.31 12.04 -11.40
C SER A 8 7.73 10.96 -10.51
N GLY A 9 8.49 9.89 -10.30
CA GLY A 9 8.04 8.80 -9.47
C GLY A 9 6.79 8.14 -10.01
N GLU A 10 6.90 6.87 -10.38
CA GLU A 10 5.76 6.12 -10.92
C GLU A 10 5.26 5.09 -9.91
N LYS A 11 4.14 5.40 -9.26
CA LYS A 11 3.56 4.50 -8.28
C LYS A 11 4.64 3.84 -7.43
N PRO A 12 5.53 4.67 -6.86
CA PRO A 12 6.63 4.19 -6.02
C PRO A 12 6.14 3.63 -4.68
N TYR A 13 4.83 3.71 -4.46
CA TYR A 13 4.24 3.23 -3.22
C TYR A 13 3.34 2.03 -3.49
N GLY A 14 3.56 0.95 -2.75
CA GLY A 14 2.77 -0.25 -2.91
C GLY A 14 2.32 -0.84 -1.59
N CYS A 15 1.03 -1.19 -1.51
CA CYS A 15 0.48 -1.77 -0.29
C CYS A 15 0.89 -3.23 -0.14
N ASN A 16 1.68 -3.51 0.89
CA ASN A 16 2.15 -4.87 1.14
C ASN A 16 1.12 -5.66 1.95
N GLU A 17 -0.15 -5.47 1.62
CA GLU A 17 -1.23 -6.16 2.31
C GLU A 17 -2.20 -6.81 1.32
N CYS A 18 -2.58 -6.05 0.30
CA CYS A 18 -3.50 -6.53 -0.71
C CYS A 18 -2.78 -6.73 -2.05
N GLY A 19 -1.94 -5.76 -2.41
CA GLY A 19 -1.20 -5.84 -3.66
C GLY A 19 -1.53 -4.71 -4.60
N LYS A 20 -1.97 -3.59 -4.04
CA LYS A 20 -2.33 -2.42 -4.84
C LYS A 20 -1.21 -1.39 -4.83
N THR A 21 -1.30 -0.41 -5.73
CA THR A 21 -0.29 0.64 -5.82
C THR A 21 -0.92 2.02 -5.65
N PHE A 22 -0.08 3.02 -5.39
CA PHE A 22 -0.55 4.39 -5.21
C PHE A 22 0.54 5.39 -5.59
N SER A 23 0.18 6.33 -6.46
CA SER A 23 1.13 7.35 -6.91
C SER A 23 1.76 8.06 -5.72
N GLN A 24 0.93 8.40 -4.73
CA GLN A 24 1.41 9.08 -3.54
C GLN A 24 1.06 8.30 -2.28
N LYS A 25 1.85 8.49 -1.23
CA LYS A 25 1.63 7.80 0.04
C LYS A 25 0.38 8.33 0.72
N SER A 26 0.22 9.65 0.75
CA SER A 26 -0.93 10.28 1.38
C SER A 26 -2.19 9.48 1.11
N ILE A 27 -2.28 8.91 -0.09
CA ILE A 27 -3.44 8.12 -0.48
C ILE A 27 -3.36 6.71 0.09
N LEU A 28 -2.24 6.05 -0.16
CA LEU A 28 -2.03 4.68 0.33
C LEU A 28 -2.24 4.61 1.84
N SER A 29 -1.53 5.45 2.58
CA SER A 29 -1.65 5.49 4.03
C SER A 29 -3.09 5.26 4.47
N ALA A 30 -3.98 6.09 3.96
CA ALA A 30 -5.40 5.99 4.29
C ALA A 30 -5.97 4.63 3.88
N HIS A 31 -5.51 4.14 2.75
CA HIS A 31 -5.97 2.84 2.24
C HIS A 31 -5.46 1.70 3.11
N GLN A 32 -4.40 1.97 3.87
CA GLN A 32 -3.82 0.97 4.75
C GLN A 32 -4.50 0.97 6.12
N ARG A 33 -5.12 2.10 6.45
CA ARG A 33 -5.81 2.23 7.72
C ARG A 33 -6.90 1.17 7.87
N THR A 34 -7.56 0.85 6.77
CA THR A 34 -8.61 -0.15 6.78
C THR A 34 -8.05 -1.56 6.96
N HIS A 35 -6.85 -1.76 6.43
CA HIS A 35 -6.19 -3.06 6.53
C HIS A 35 -5.90 -3.42 7.99
N THR A 36 -5.48 -2.42 8.77
CA THR A 36 -5.18 -2.63 10.18
C THR A 36 -6.43 -2.50 11.04
N GLY A 37 -7.18 -3.59 11.15
CA GLY A 37 -8.40 -3.57 11.95
C GLY A 37 -8.14 -3.96 13.40
N GLU A 38 -9.18 -4.42 14.08
CA GLU A 38 -9.07 -4.82 15.47
C GLU A 38 -9.51 -6.27 15.66
N LYS A 39 -9.71 -6.98 14.54
CA LYS A 39 -10.12 -8.36 14.58
C LYS A 39 -9.56 -9.14 13.38
N PRO A 40 -9.15 -10.39 13.62
CA PRO A 40 -8.59 -11.25 12.58
C PRO A 40 -9.63 -11.70 11.57
N SER A 41 -9.88 -10.86 10.57
CA SER A 41 -10.87 -11.16 9.55
C SER A 41 -10.23 -11.15 8.16
N GLY A 42 -10.69 -12.04 7.29
CA GLY A 42 -10.15 -12.11 5.94
C GLY A 42 -10.18 -13.52 5.38
N PRO A 43 -9.67 -13.68 4.15
CA PRO A 43 -9.62 -14.98 3.48
C PRO A 43 -8.62 -15.94 4.13
N SER A 44 -9.11 -16.75 5.06
CA SER A 44 -8.26 -17.71 5.77
C SER A 44 -8.00 -18.94 4.90
N SER A 45 -6.77 -19.09 4.44
CA SER A 45 -6.39 -20.21 3.61
C SER A 45 -4.88 -20.30 3.45
N GLY A 46 -4.39 -21.47 3.10
CA GLY A 46 -2.96 -21.67 2.92
C GLY A 46 -2.52 -23.10 3.15
ZN ZN B . -4.06 -2.56 0.58
N GLY A 1 0.30 -5.98 -27.61
CA GLY A 1 1.63 -5.55 -27.21
C GLY A 1 1.85 -5.63 -25.72
N SER A 2 3.04 -6.06 -25.31
CA SER A 2 3.37 -6.18 -23.90
C SER A 2 4.20 -4.98 -23.43
N SER A 3 4.33 -4.87 -22.11
CA SER A 3 5.10 -3.77 -21.52
C SER A 3 6.60 -4.02 -21.64
N GLY A 4 7.31 -3.05 -22.22
CA GLY A 4 8.75 -3.19 -22.38
C GLY A 4 9.51 -2.93 -21.10
N SER A 5 9.07 -3.55 -20.01
CA SER A 5 9.71 -3.38 -18.71
C SER A 5 9.76 -1.91 -18.32
N SER A 6 8.66 -1.20 -18.57
CA SER A 6 8.57 0.22 -18.25
C SER A 6 8.83 0.45 -16.77
N GLY A 7 9.90 1.20 -16.47
CA GLY A 7 10.24 1.49 -15.09
C GLY A 7 10.17 2.97 -14.77
N SER A 8 9.10 3.61 -15.24
CA SER A 8 8.91 5.05 -15.01
C SER A 8 8.90 5.35 -13.51
N GLY A 9 7.99 4.70 -12.79
CA GLY A 9 7.89 4.92 -11.36
C GLY A 9 6.73 5.84 -10.99
N GLU A 10 5.60 5.65 -11.66
CA GLU A 10 4.42 6.47 -11.40
C GLU A 10 3.87 6.20 -10.00
N LYS A 11 3.91 4.94 -9.59
CA LYS A 11 3.42 4.56 -8.27
C LYS A 11 4.44 3.67 -7.55
N PRO A 12 5.52 4.30 -7.05
CA PRO A 12 6.58 3.58 -6.33
C PRO A 12 6.12 3.08 -4.96
N TYR A 13 4.86 3.37 -4.63
CA TYR A 13 4.31 2.94 -3.35
C TYR A 13 3.46 1.68 -3.52
N GLY A 14 3.79 0.65 -2.74
CA GLY A 14 3.06 -0.60 -2.81
C GLY A 14 2.39 -0.96 -1.49
N CYS A 15 1.12 -1.32 -1.56
CA CYS A 15 0.37 -1.68 -0.36
C CYS A 15 0.88 -3.01 0.20
N ASN A 16 1.37 -2.97 1.44
CA ASN A 16 1.89 -4.16 2.09
C ASN A 16 0.76 -4.95 2.77
N GLU A 17 -0.44 -4.85 2.20
CA GLU A 17 -1.59 -5.54 2.75
C GLU A 17 -2.31 -6.34 1.67
N CYS A 18 -2.38 -5.78 0.47
CA CYS A 18 -3.04 -6.43 -0.65
C CYS A 18 -2.17 -6.39 -1.90
N GLY A 19 -1.56 -5.23 -2.16
CA GLY A 19 -0.70 -5.09 -3.32
C GLY A 19 -0.93 -3.77 -4.04
N LYS A 20 -2.18 -3.30 -4.05
CA LYS A 20 -2.51 -2.05 -4.71
C LYS A 20 -1.41 -1.02 -4.51
N THR A 21 -1.19 -0.19 -5.52
CA THR A 21 -0.17 0.86 -5.46
C THR A 21 -0.79 2.25 -5.51
N PHE A 22 0.01 3.26 -5.17
CA PHE A 22 -0.46 4.63 -5.18
C PHE A 22 0.66 5.60 -5.52
N SER A 23 0.37 6.59 -6.35
CA SER A 23 1.37 7.57 -6.76
C SER A 23 2.03 8.20 -5.53
N GLN A 24 1.21 8.59 -4.55
CA GLN A 24 1.71 9.22 -3.35
C GLN A 24 1.28 8.43 -2.11
N LYS A 25 2.20 8.29 -1.16
CA LYS A 25 1.92 7.55 0.07
C LYS A 25 0.71 8.13 0.79
N SER A 26 0.65 9.45 0.86
CA SER A 26 -0.47 10.13 1.53
C SER A 26 -1.77 9.38 1.29
N ILE A 27 -1.95 8.89 0.07
CA ILE A 27 -3.16 8.16 -0.29
C ILE A 27 -3.10 6.73 0.23
N LEU A 28 -2.08 5.99 -0.18
CA LEU A 28 -1.92 4.60 0.25
C LEU A 28 -2.14 4.46 1.75
N SER A 29 -1.49 5.32 2.53
CA SER A 29 -1.62 5.30 3.98
C SER A 29 -3.06 4.99 4.38
N ALA A 30 -3.98 5.84 3.95
CA ALA A 30 -5.39 5.67 4.27
C ALA A 30 -5.90 4.31 3.80
N HIS A 31 -5.60 3.98 2.55
CA HIS A 31 -6.02 2.71 1.97
C HIS A 31 -5.59 1.54 2.86
N GLN A 32 -4.51 1.74 3.60
CA GLN A 32 -4.00 0.69 4.48
C GLN A 32 -4.79 0.65 5.79
N ARG A 33 -5.28 1.81 6.23
CA ARG A 33 -6.05 1.90 7.45
C ARG A 33 -7.08 0.78 7.54
N THR A 34 -7.83 0.58 6.46
CA THR A 34 -8.84 -0.46 6.41
C THR A 34 -8.21 -1.84 6.46
N HIS A 35 -7.00 -1.96 5.93
CA HIS A 35 -6.29 -3.23 5.91
C HIS A 35 -5.86 -3.64 7.32
N THR A 36 -5.21 -2.71 8.02
CA THR A 36 -4.75 -2.96 9.38
C THR A 36 -5.89 -2.87 10.38
N GLY A 37 -6.05 -3.90 11.20
CA GLY A 37 -7.11 -3.90 12.18
C GLY A 37 -6.80 -3.02 13.36
N GLU A 38 -6.66 -1.71 13.11
CA GLU A 38 -6.36 -0.76 14.17
C GLU A 38 -7.51 0.23 14.35
N LYS A 39 -8.48 -0.15 15.18
CA LYS A 39 -9.63 0.70 15.44
C LYS A 39 -10.11 0.54 16.88
N PRO A 40 -10.58 1.65 17.47
CA PRO A 40 -11.06 1.66 18.86
C PRO A 40 -12.38 0.91 19.01
N SER A 41 -12.31 -0.30 19.54
CA SER A 41 -13.50 -1.13 19.74
C SER A 41 -13.65 -1.52 21.20
N GLY A 42 -12.60 -2.11 21.76
CA GLY A 42 -12.64 -2.52 23.15
C GLY A 42 -11.30 -3.04 23.64
N PRO A 43 -11.30 -3.67 24.82
CA PRO A 43 -10.09 -4.23 25.42
C PRO A 43 -9.56 -5.44 24.66
N SER A 44 -8.61 -5.21 23.77
CA SER A 44 -8.02 -6.27 22.98
C SER A 44 -6.50 -6.18 22.96
N SER A 45 -5.85 -6.88 23.87
CA SER A 45 -4.39 -6.87 23.95
C SER A 45 -3.77 -7.12 22.58
N GLY A 46 -2.85 -6.24 22.19
CA GLY A 46 -2.18 -6.38 20.90
C GLY A 46 -1.20 -7.52 20.89
ZN ZN B . -4.23 -2.60 0.13
N GLY A 1 -5.81 -0.08 -26.17
CA GLY A 1 -5.24 -1.01 -27.13
C GLY A 1 -4.13 -1.86 -26.54
N SER A 2 -3.00 -1.22 -26.22
CA SER A 2 -1.87 -1.92 -25.65
C SER A 2 -2.14 -2.31 -24.20
N SER A 3 -1.42 -3.32 -23.73
CA SER A 3 -1.59 -3.80 -22.36
C SER A 3 -0.29 -4.41 -21.84
N GLY A 4 0.16 -3.92 -20.68
CA GLY A 4 1.40 -4.43 -20.10
C GLY A 4 1.78 -3.69 -18.83
N SER A 5 2.78 -4.21 -18.13
CA SER A 5 3.24 -3.59 -16.89
C SER A 5 4.22 -2.47 -17.18
N SER A 6 3.69 -1.29 -17.50
CA SER A 6 4.51 -0.13 -17.81
C SER A 6 4.37 0.94 -16.73
N GLY A 7 5.48 1.57 -16.38
CA GLY A 7 5.46 2.61 -15.37
C GLY A 7 6.64 2.52 -14.41
N SER A 8 7.25 3.65 -14.11
CA SER A 8 8.39 3.69 -13.21
C SER A 8 8.46 5.03 -12.48
N GLY A 9 8.53 4.97 -11.16
CA GLY A 9 8.61 6.18 -10.36
C GLY A 9 7.24 6.74 -10.03
N GLU A 10 6.27 6.46 -10.88
CA GLU A 10 4.90 6.95 -10.68
C GLU A 10 4.37 6.51 -9.32
N LYS A 11 4.21 5.20 -9.15
CA LYS A 11 3.70 4.65 -7.89
C LYS A 11 4.80 3.90 -7.14
N PRO A 12 5.68 4.66 -6.46
CA PRO A 12 6.79 4.09 -5.69
C PRO A 12 6.31 3.34 -4.45
N TYR A 13 5.00 3.34 -4.22
CA TYR A 13 4.42 2.67 -3.08
C TYR A 13 3.60 1.46 -3.51
N GLY A 14 3.49 0.47 -2.63
CA GLY A 14 2.73 -0.72 -2.94
C GLY A 14 2.24 -1.43 -1.70
N CYS A 15 0.95 -1.24 -1.39
CA CYS A 15 0.36 -1.86 -0.22
C CYS A 15 0.77 -3.33 -0.11
N ASN A 16 1.63 -3.62 0.87
CA ASN A 16 2.12 -4.98 1.07
C ASN A 16 1.11 -5.79 1.87
N GLU A 17 -0.17 -5.63 1.55
CA GLU A 17 -1.23 -6.34 2.25
C GLU A 17 -2.21 -6.96 1.26
N CYS A 18 -2.63 -6.16 0.27
CA CYS A 18 -3.56 -6.62 -0.75
C CYS A 18 -2.90 -6.66 -2.12
N GLY A 19 -2.07 -5.66 -2.40
CA GLY A 19 -1.39 -5.60 -3.68
C GLY A 19 -1.78 -4.38 -4.49
N LYS A 20 -2.22 -3.33 -3.80
CA LYS A 20 -2.64 -2.10 -4.47
C LYS A 20 -1.55 -1.03 -4.35
N THR A 21 -1.22 -0.42 -5.49
CA THR A 21 -0.20 0.62 -5.53
C THR A 21 -0.83 2.00 -5.48
N PHE A 22 -0.01 3.02 -5.25
CA PHE A 22 -0.49 4.39 -5.19
C PHE A 22 0.60 5.37 -5.64
N SER A 23 0.21 6.33 -6.48
CA SER A 23 1.16 7.32 -6.99
C SER A 23 1.85 8.05 -5.84
N GLN A 24 1.07 8.43 -4.82
CA GLN A 24 1.61 9.13 -3.67
C GLN A 24 1.19 8.44 -2.37
N LYS A 25 2.09 8.46 -1.39
CA LYS A 25 1.82 7.84 -0.10
C LYS A 25 0.55 8.41 0.53
N SER A 26 0.39 9.72 0.44
CA SER A 26 -0.78 10.39 1.00
C SER A 26 -2.03 9.53 0.84
N ILE A 27 -2.14 8.88 -0.31
CA ILE A 27 -3.29 8.02 -0.59
C ILE A 27 -3.15 6.67 0.11
N LEU A 28 -2.02 5.99 -0.13
CA LEU A 28 -1.78 4.69 0.47
C LEU A 28 -2.05 4.73 1.98
N SER A 29 -1.78 5.88 2.59
CA SER A 29 -2.00 6.05 4.03
C SER A 29 -3.46 5.79 4.39
N ALA A 30 -4.36 6.46 3.69
CA ALA A 30 -5.79 6.30 3.94
C ALA A 30 -6.23 4.86 3.67
N HIS A 31 -5.62 4.23 2.68
CA HIS A 31 -5.95 2.85 2.33
C HIS A 31 -5.51 1.90 3.43
N GLN A 32 -4.25 2.01 3.84
CA GLN A 32 -3.70 1.15 4.88
C GLN A 32 -4.65 1.07 6.07
N ARG A 33 -5.44 2.11 6.27
CA ARG A 33 -6.39 2.16 7.38
C ARG A 33 -7.21 0.87 7.44
N THR A 34 -7.58 0.36 6.27
CA THR A 34 -8.37 -0.87 6.19
C THR A 34 -7.47 -2.10 6.20
N HIS A 35 -6.30 -1.97 6.82
CA HIS A 35 -5.35 -3.07 6.91
C HIS A 35 -4.81 -3.22 8.32
N THR A 36 -4.30 -2.12 8.87
CA THR A 36 -3.75 -2.12 10.22
C THR A 36 -4.83 -1.86 11.26
N GLY A 37 -4.54 -2.19 12.51
CA GLY A 37 -5.50 -1.99 13.58
C GLY A 37 -6.05 -3.29 14.12
N GLU A 38 -7.38 -3.43 14.08
CA GLU A 38 -8.03 -4.63 14.58
C GLU A 38 -7.88 -5.77 13.59
N LYS A 39 -6.76 -6.48 13.67
CA LYS A 39 -6.48 -7.59 12.77
C LYS A 39 -5.68 -8.68 13.49
N PRO A 40 -6.04 -9.94 13.23
CA PRO A 40 -5.36 -11.09 13.84
C PRO A 40 -3.94 -11.28 13.31
N SER A 41 -2.96 -11.17 14.20
CA SER A 41 -1.56 -11.32 13.83
C SER A 41 -0.79 -12.06 14.91
N GLY A 42 0.26 -12.78 14.50
CA GLY A 42 1.06 -13.52 15.45
C GLY A 42 2.14 -12.66 16.10
N PRO A 43 2.44 -12.95 17.37
CA PRO A 43 3.44 -12.20 18.13
C PRO A 43 4.87 -12.47 17.63
N SER A 44 5.32 -11.64 16.70
CA SER A 44 6.65 -11.79 16.13
C SER A 44 7.60 -10.72 16.68
N SER A 45 8.87 -11.06 16.80
CA SER A 45 9.88 -10.13 17.30
C SER A 45 10.28 -9.13 16.23
N GLY A 46 10.66 -9.63 15.07
CA GLY A 46 11.07 -8.77 13.98
C GLY A 46 12.45 -8.19 14.18
ZN ZN B . -4.14 -2.63 0.74
N GLY A 1 15.76 -13.93 -19.95
CA GLY A 1 16.56 -12.73 -19.75
C GLY A 1 16.70 -12.37 -18.28
N SER A 2 17.25 -11.18 -18.01
CA SER A 2 17.43 -10.73 -16.64
C SER A 2 16.87 -9.31 -16.47
N SER A 3 16.20 -9.10 -15.34
CA SER A 3 15.60 -7.80 -15.05
C SER A 3 16.68 -6.79 -14.64
N GLY A 4 16.26 -5.55 -14.39
CA GLY A 4 17.20 -4.52 -13.99
C GLY A 4 16.50 -3.25 -13.53
N SER A 5 15.43 -2.88 -14.22
CA SER A 5 14.68 -1.68 -13.88
C SER A 5 14.60 -1.51 -12.36
N SER A 6 14.52 -0.25 -11.92
CA SER A 6 14.44 0.04 -10.49
C SER A 6 13.02 -0.14 -9.97
N GLY A 7 12.09 0.63 -10.53
CA GLY A 7 10.71 0.54 -10.11
C GLY A 7 9.81 1.51 -10.85
N SER A 8 8.51 1.26 -10.82
CA SER A 8 7.54 2.12 -11.51
C SER A 8 7.51 3.50 -10.88
N GLY A 9 7.99 4.49 -11.63
CA GLY A 9 8.02 5.85 -11.15
C GLY A 9 6.63 6.40 -10.87
N GLU A 10 5.65 5.94 -11.65
CA GLU A 10 4.28 6.38 -11.50
C GLU A 10 3.77 6.11 -10.09
N LYS A 11 3.97 4.89 -9.62
CA LYS A 11 3.54 4.49 -8.29
C LYS A 11 4.67 3.83 -7.52
N PRO A 12 5.57 4.65 -6.96
CA PRO A 12 6.72 4.17 -6.19
C PRO A 12 6.30 3.56 -4.85
N TYR A 13 5.00 3.55 -4.59
CA TYR A 13 4.48 3.00 -3.35
C TYR A 13 3.66 1.74 -3.62
N GLY A 14 3.55 0.88 -2.61
CA GLY A 14 2.79 -0.35 -2.75
C GLY A 14 2.16 -0.80 -1.45
N CYS A 15 0.92 -1.28 -1.53
CA CYS A 15 0.21 -1.75 -0.35
C CYS A 15 0.80 -3.06 0.17
N ASN A 16 1.33 -3.02 1.38
CA ASN A 16 1.93 -4.20 2.00
C ASN A 16 0.87 -5.06 2.67
N GLU A 17 -0.34 -5.05 2.11
CA GLU A 17 -1.44 -5.83 2.66
C GLU A 17 -2.15 -6.63 1.56
N CYS A 18 -2.29 -6.00 0.39
CA CYS A 18 -2.94 -6.65 -0.74
C CYS A 18 -2.08 -6.55 -2.00
N GLY A 19 -1.53 -5.36 -2.23
CA GLY A 19 -0.69 -5.14 -3.40
C GLY A 19 -0.96 -3.81 -4.07
N LYS A 20 -2.23 -3.40 -4.08
CA LYS A 20 -2.62 -2.14 -4.70
C LYS A 20 -1.53 -1.08 -4.50
N THR A 21 -1.22 -0.37 -5.58
CA THR A 21 -0.20 0.67 -5.53
C THR A 21 -0.82 2.07 -5.58
N PHE A 22 -0.01 3.08 -5.32
CA PHE A 22 -0.49 4.47 -5.33
C PHE A 22 0.64 5.43 -5.71
N SER A 23 0.28 6.53 -6.35
CA SER A 23 1.25 7.52 -6.77
C SER A 23 2.00 8.09 -5.57
N GLN A 24 1.27 8.41 -4.51
CA GLN A 24 1.87 8.95 -3.30
C GLN A 24 1.49 8.12 -2.08
N LYS A 25 2.12 8.41 -0.94
CA LYS A 25 1.85 7.69 0.29
C LYS A 25 0.56 8.19 0.94
N SER A 26 0.45 9.50 1.09
CA SER A 26 -0.73 10.10 1.71
C SER A 26 -2.00 9.34 1.32
N ILE A 27 -2.03 8.85 0.09
CA ILE A 27 -3.18 8.09 -0.41
C ILE A 27 -3.14 6.65 0.07
N LEU A 28 -2.03 5.97 -0.21
CA LEU A 28 -1.87 4.57 0.21
C LEU A 28 -2.11 4.42 1.71
N SER A 29 -1.40 5.21 2.50
CA SER A 29 -1.53 5.16 3.95
C SER A 29 -2.98 4.88 4.35
N ALA A 30 -3.89 5.75 3.92
CA ALA A 30 -5.30 5.60 4.23
C ALA A 30 -5.82 4.24 3.78
N HIS A 31 -5.53 3.89 2.53
CA HIS A 31 -5.96 2.61 1.98
C HIS A 31 -5.55 1.46 2.89
N GLN A 32 -4.46 1.65 3.62
CA GLN A 32 -3.96 0.62 4.53
C GLN A 32 -4.68 0.69 5.88
N ARG A 33 -5.04 1.90 6.28
CA ARG A 33 -5.73 2.10 7.55
C ARG A 33 -6.95 1.19 7.67
N THR A 34 -7.60 0.94 6.53
CA THR A 34 -8.78 0.09 6.51
C THR A 34 -8.40 -1.39 6.49
N HIS A 35 -7.19 -1.68 6.01
CA HIS A 35 -6.69 -3.05 5.94
C HIS A 35 -6.45 -3.60 7.35
N THR A 36 -5.85 -2.78 8.20
CA THR A 36 -5.57 -3.19 9.58
C THR A 36 -6.75 -2.93 10.50
N GLY A 37 -7.42 -1.80 10.28
CA GLY A 37 -8.57 -1.44 11.10
C GLY A 37 -8.27 -1.53 12.59
N GLU A 38 -9.32 -1.66 13.38
CA GLU A 38 -9.16 -1.75 14.84
C GLU A 38 -9.94 -2.95 15.39
N LYS A 39 -9.34 -4.13 15.29
CA LYS A 39 -9.96 -5.35 15.78
C LYS A 39 -9.14 -5.96 16.93
N PRO A 40 -9.85 -6.47 17.95
CA PRO A 40 -9.21 -7.08 19.12
C PRO A 40 -8.56 -8.42 18.78
N SER A 41 -8.66 -8.82 17.51
CA SER A 41 -8.09 -10.08 17.06
C SER A 41 -6.60 -10.14 17.37
N GLY A 42 -6.26 -10.49 18.61
CA GLY A 42 -4.87 -10.58 19.02
C GLY A 42 -4.46 -9.44 19.93
N PRO A 43 -4.74 -9.59 21.23
CA PRO A 43 -4.40 -8.58 22.23
C PRO A 43 -2.90 -8.47 22.46
N SER A 44 -2.14 -9.28 21.73
CA SER A 44 -0.68 -9.28 21.87
C SER A 44 -0.13 -7.86 21.77
N SER A 45 0.85 -7.55 22.62
CA SER A 45 1.46 -6.23 22.63
C SER A 45 2.98 -6.34 22.60
N GLY A 46 3.63 -5.32 22.03
CA GLY A 46 5.07 -5.32 21.95
C GLY A 46 5.72 -4.54 23.07
ZN ZN B . -4.53 -2.86 0.05
N GLY A 1 12.19 -9.69 -17.05
CA GLY A 1 11.49 -9.56 -15.78
C GLY A 1 10.47 -8.44 -15.80
N SER A 2 10.86 -7.27 -15.31
CA SER A 2 9.96 -6.11 -15.27
C SER A 2 10.13 -5.26 -16.51
N SER A 3 9.19 -4.35 -16.73
CA SER A 3 9.23 -3.47 -17.89
C SER A 3 9.06 -2.01 -17.46
N GLY A 4 10.06 -1.19 -17.79
CA GLY A 4 10.02 0.21 -17.43
C GLY A 4 11.32 0.71 -16.84
N SER A 5 12.26 1.09 -17.70
CA SER A 5 13.56 1.57 -17.25
C SER A 5 13.61 3.10 -17.28
N SER A 6 13.11 3.71 -16.21
CA SER A 6 13.08 5.17 -16.10
C SER A 6 13.23 5.62 -14.65
N GLY A 7 13.89 6.75 -14.45
CA GLY A 7 14.08 7.27 -13.11
C GLY A 7 13.01 8.27 -12.71
N SER A 8 11.76 7.97 -13.05
CA SER A 8 10.65 8.85 -12.73
C SER A 8 9.73 8.22 -11.71
N GLY A 9 9.38 8.98 -10.66
CA GLY A 9 8.51 8.47 -9.62
C GLY A 9 7.16 8.03 -10.16
N GLU A 10 6.95 6.73 -10.25
CA GLU A 10 5.70 6.19 -10.75
C GLU A 10 5.15 5.11 -9.81
N LYS A 11 4.06 5.43 -9.13
CA LYS A 11 3.43 4.50 -8.20
C LYS A 11 4.49 3.67 -7.48
N PRO A 12 5.45 4.35 -6.83
CA PRO A 12 6.53 3.69 -6.10
C PRO A 12 6.03 3.01 -4.83
N TYR A 13 4.82 3.36 -4.40
CA TYR A 13 4.23 2.79 -3.20
C TYR A 13 3.39 1.55 -3.55
N GLY A 14 3.58 0.48 -2.78
CA GLY A 14 2.84 -0.74 -3.01
C GLY A 14 2.28 -1.33 -1.73
N CYS A 15 0.98 -1.19 -1.53
CA CYS A 15 0.33 -1.73 -0.34
C CYS A 15 0.77 -3.16 -0.08
N ASN A 16 1.52 -3.35 1.01
CA ASN A 16 2.01 -4.68 1.37
C ASN A 16 0.95 -5.45 2.15
N GLU A 17 -0.30 -5.31 1.74
CA GLU A 17 -1.41 -5.99 2.40
C GLU A 17 -2.31 -6.68 1.39
N CYS A 18 -2.67 -5.95 0.33
CA CYS A 18 -3.53 -6.48 -0.71
C CYS A 18 -2.77 -6.63 -2.03
N GLY A 19 -1.94 -5.63 -2.33
CA GLY A 19 -1.17 -5.67 -3.57
C GLY A 19 -1.49 -4.50 -4.48
N LYS A 20 -1.97 -3.40 -3.90
CA LYS A 20 -2.31 -2.22 -4.67
C LYS A 20 -1.15 -1.24 -4.71
N THR A 21 -1.29 -0.19 -5.52
CA THR A 21 -0.25 0.82 -5.64
C THR A 21 -0.84 2.23 -5.65
N PHE A 22 -0.03 3.21 -5.28
CA PHE A 22 -0.47 4.59 -5.25
C PHE A 22 0.68 5.55 -5.54
N SER A 23 0.43 6.53 -6.40
CA SER A 23 1.45 7.50 -6.77
C SER A 23 1.93 8.27 -5.56
N GLN A 24 1.00 8.62 -4.68
CA GLN A 24 1.33 9.36 -3.46
C GLN A 24 0.94 8.57 -2.22
N LYS A 25 1.75 8.68 -1.17
CA LYS A 25 1.50 7.97 0.08
C LYS A 25 0.23 8.48 0.73
N SER A 26 0.04 9.80 0.73
CA SER A 26 -1.14 10.41 1.32
C SER A 26 -2.39 9.56 1.06
N ILE A 27 -2.44 8.96 -0.13
CA ILE A 27 -3.56 8.12 -0.51
C ILE A 27 -3.42 6.71 0.05
N LEU A 28 -2.27 6.10 -0.21
CA LEU A 28 -1.99 4.75 0.27
C LEU A 28 -2.26 4.64 1.77
N SER A 29 -1.65 5.53 2.54
CA SER A 29 -1.82 5.53 3.99
C SER A 29 -3.24 5.16 4.37
N ALA A 30 -4.20 5.98 3.95
CA ALA A 30 -5.60 5.75 4.25
C ALA A 30 -6.02 4.34 3.81
N HIS A 31 -5.62 3.96 2.60
CA HIS A 31 -5.97 2.64 2.07
C HIS A 31 -5.39 1.54 2.95
N GLN A 32 -4.30 1.85 3.66
CA GLN A 32 -3.66 0.88 4.52
C GLN A 32 -4.31 0.88 5.91
N ARG A 33 -4.84 2.03 6.30
CA ARG A 33 -5.49 2.17 7.60
C ARG A 33 -6.52 1.07 7.81
N THR A 34 -7.34 0.83 6.80
CA THR A 34 -8.37 -0.20 6.87
C THR A 34 -7.77 -1.59 6.90
N HIS A 35 -6.58 -1.73 6.30
CA HIS A 35 -5.89 -3.01 6.26
C HIS A 35 -5.38 -3.40 7.64
N THR A 36 -4.48 -2.57 8.17
CA THR A 36 -3.89 -2.82 9.48
C THR A 36 -4.98 -3.02 10.54
N GLY A 37 -4.70 -3.87 11.52
CA GLY A 37 -5.66 -4.14 12.57
C GLY A 37 -5.45 -3.25 13.78
N GLU A 38 -6.47 -2.47 14.12
CA GLU A 38 -6.39 -1.57 15.26
C GLU A 38 -7.29 -2.05 16.40
N LYS A 39 -7.35 -3.37 16.58
CA LYS A 39 -8.17 -3.96 17.64
C LYS A 39 -7.74 -5.39 17.92
N PRO A 40 -7.73 -5.76 19.21
CA PRO A 40 -7.33 -7.10 19.64
C PRO A 40 -8.37 -8.15 19.26
N SER A 41 -9.62 -7.89 19.58
CA SER A 41 -10.71 -8.81 19.28
C SER A 41 -11.17 -8.65 17.83
N GLY A 42 -11.35 -9.78 17.15
CA GLY A 42 -11.79 -9.74 15.76
C GLY A 42 -12.97 -10.65 15.50
N PRO A 43 -14.19 -10.16 15.79
CA PRO A 43 -15.42 -10.93 15.59
C PRO A 43 -15.75 -11.13 14.12
N SER A 44 -15.72 -12.38 13.68
CA SER A 44 -16.02 -12.71 12.28
C SER A 44 -17.01 -13.86 12.19
N SER A 45 -17.92 -13.77 11.22
CA SER A 45 -18.92 -14.81 11.03
C SER A 45 -18.77 -15.47 9.67
N GLY A 46 -18.30 -16.72 9.67
CA GLY A 46 -18.11 -17.44 8.43
C GLY A 46 -16.65 -17.73 8.14
ZN ZN B . -4.28 -2.52 0.20
N GLY A 1 21.94 15.51 -11.64
CA GLY A 1 22.73 16.51 -10.94
C GLY A 1 21.97 17.17 -9.82
N SER A 2 21.76 18.47 -9.95
CA SER A 2 21.03 19.24 -8.93
C SER A 2 19.66 18.62 -8.66
N SER A 3 19.12 18.90 -7.48
CA SER A 3 17.81 18.38 -7.10
C SER A 3 16.73 19.45 -7.22
N GLY A 4 16.01 19.43 -8.33
CA GLY A 4 14.96 20.40 -8.55
C GLY A 4 13.58 19.81 -8.37
N SER A 5 13.03 19.25 -9.45
CA SER A 5 11.70 18.65 -9.41
C SER A 5 11.78 17.14 -9.62
N SER A 6 12.77 16.52 -9.00
CA SER A 6 12.96 15.07 -9.11
C SER A 6 12.18 14.33 -8.03
N GLY A 7 10.92 14.03 -8.31
CA GLY A 7 10.10 13.32 -7.35
C GLY A 7 8.69 13.05 -7.88
N SER A 8 8.62 12.34 -9.00
CA SER A 8 7.33 12.02 -9.61
C SER A 8 7.23 10.53 -9.93
N GLY A 9 7.74 9.71 -9.02
CA GLY A 9 7.71 8.27 -9.22
C GLY A 9 6.33 7.77 -9.57
N GLU A 10 6.26 6.75 -10.42
CA GLU A 10 4.98 6.18 -10.84
C GLU A 10 4.56 5.06 -9.90
N LYS A 11 3.79 5.40 -8.88
CA LYS A 11 3.32 4.42 -7.91
C LYS A 11 4.48 3.77 -7.17
N PRO A 12 5.35 4.61 -6.57
CA PRO A 12 6.51 4.12 -5.83
C PRO A 12 6.13 3.42 -4.53
N TYR A 13 4.86 3.53 -4.16
CA TYR A 13 4.36 2.91 -2.94
C TYR A 13 3.51 1.69 -3.26
N GLY A 14 3.91 0.54 -2.72
CA GLY A 14 3.17 -0.69 -2.95
C GLY A 14 2.66 -1.32 -1.68
N CYS A 15 1.35 -1.40 -1.55
CA CYS A 15 0.72 -1.98 -0.36
C CYS A 15 1.06 -3.48 -0.25
N ASN A 16 1.89 -3.81 0.74
CA ASN A 16 2.29 -5.20 0.96
C ASN A 16 1.26 -5.94 1.81
N GLU A 17 -0.02 -5.60 1.62
CA GLU A 17 -1.09 -6.23 2.37
C GLU A 17 -2.15 -6.80 1.43
N CYS A 18 -2.39 -6.10 0.32
CA CYS A 18 -3.38 -6.54 -0.66
C CYS A 18 -2.77 -6.58 -2.05
N GLY A 19 -2.01 -5.55 -2.40
CA GLY A 19 -1.39 -5.49 -3.71
C GLY A 19 -1.81 -4.26 -4.50
N LYS A 20 -2.22 -3.21 -3.79
CA LYS A 20 -2.66 -1.99 -4.43
C LYS A 20 -1.54 -0.95 -4.44
N THR A 21 -1.44 -0.19 -5.54
CA THR A 21 -0.41 0.82 -5.68
C THR A 21 -1.00 2.22 -5.54
N PHE A 22 -0.14 3.20 -5.29
CA PHE A 22 -0.57 4.58 -5.14
C PHE A 22 0.53 5.55 -5.55
N SER A 23 0.20 6.48 -6.44
CA SER A 23 1.17 7.47 -6.92
C SER A 23 1.87 8.14 -5.75
N GLN A 24 1.10 8.53 -4.74
CA GLN A 24 1.65 9.19 -3.57
C GLN A 24 1.25 8.46 -2.29
N LYS A 25 2.13 8.50 -1.29
CA LYS A 25 1.87 7.83 -0.02
C LYS A 25 0.57 8.35 0.60
N SER A 26 0.35 9.65 0.49
CA SER A 26 -0.85 10.27 1.05
C SER A 26 -2.07 9.39 0.82
N ILE A 27 -2.17 8.83 -0.38
CA ILE A 27 -3.29 7.96 -0.73
C ILE A 27 -3.19 6.62 0.00
N LEU A 28 -2.07 5.94 -0.18
CA LEU A 28 -1.84 4.64 0.45
C LEU A 28 -2.15 4.72 1.95
N SER A 29 -1.51 5.65 2.63
CA SER A 29 -1.70 5.82 4.07
C SER A 29 -3.17 5.64 4.44
N ALA A 30 -4.04 6.40 3.78
CA ALA A 30 -5.47 6.33 4.04
C ALA A 30 -6.01 4.93 3.75
N HIS A 31 -5.47 4.29 2.72
CA HIS A 31 -5.89 2.95 2.34
C HIS A 31 -5.53 1.94 3.43
N GLN A 32 -4.29 2.00 3.90
CA GLN A 32 -3.83 1.10 4.94
C GLN A 32 -4.85 1.00 6.08
N ARG A 33 -5.53 2.11 6.36
CA ARG A 33 -6.52 2.16 7.41
C ARG A 33 -7.44 0.94 7.34
N THR A 34 -7.68 0.45 6.14
CA THR A 34 -8.54 -0.71 5.94
C THR A 34 -7.75 -2.01 6.04
N HIS A 35 -6.63 -1.96 6.76
CA HIS A 35 -5.79 -3.13 6.94
C HIS A 35 -5.41 -3.31 8.41
N THR A 36 -5.04 -2.20 9.05
CA THR A 36 -4.64 -2.23 10.46
C THR A 36 -5.86 -2.25 11.37
N GLY A 37 -5.79 -3.05 12.44
CA GLY A 37 -6.89 -3.13 13.37
C GLY A 37 -6.69 -4.23 14.40
N GLU A 38 -5.48 -4.32 14.94
CA GLU A 38 -5.16 -5.33 15.94
C GLU A 38 -5.32 -4.77 17.34
N LYS A 39 -6.34 -5.25 18.06
CA LYS A 39 -6.60 -4.80 19.42
C LYS A 39 -6.79 -5.99 20.36
N PRO A 40 -6.22 -5.88 21.57
CA PRO A 40 -6.31 -6.93 22.58
C PRO A 40 -7.72 -7.08 23.14
N SER A 41 -7.97 -8.21 23.81
CA SER A 41 -9.28 -8.47 24.39
C SER A 41 -9.87 -7.20 25.01
N GLY A 42 -11.14 -6.95 24.69
CA GLY A 42 -11.80 -5.76 25.22
C GLY A 42 -13.19 -5.57 24.65
N PRO A 43 -13.71 -4.35 24.74
CA PRO A 43 -15.04 -4.01 24.23
C PRO A 43 -15.10 -4.02 22.71
N SER A 44 -16.19 -4.58 22.17
CA SER A 44 -16.36 -4.66 20.72
C SER A 44 -17.33 -3.59 20.23
N SER A 45 -16.78 -2.54 19.62
CA SER A 45 -17.59 -1.45 19.11
C SER A 45 -18.45 -1.90 17.93
N GLY A 46 -19.77 -1.81 18.11
CA GLY A 46 -20.68 -2.22 17.06
C GLY A 46 -21.18 -3.64 17.24
ZN ZN B . -3.91 -2.73 0.76
N GLY A 1 28.90 8.33 -8.19
CA GLY A 1 27.80 7.97 -9.06
C GLY A 1 26.54 7.60 -8.29
N SER A 2 25.51 8.42 -8.42
CA SER A 2 24.26 8.19 -7.72
C SER A 2 23.23 7.55 -8.65
N SER A 3 23.31 6.23 -8.79
CA SER A 3 22.40 5.49 -9.65
C SER A 3 20.95 5.78 -9.28
N GLY A 4 20.27 6.55 -10.13
CA GLY A 4 18.88 6.89 -9.88
C GLY A 4 18.71 8.37 -9.56
N SER A 5 17.44 8.80 -9.46
CA SER A 5 17.13 10.19 -9.16
C SER A 5 15.85 10.29 -8.34
N SER A 6 15.52 11.51 -7.92
CA SER A 6 14.32 11.75 -7.14
C SER A 6 13.36 12.67 -7.88
N GLY A 7 12.16 12.83 -7.32
CA GLY A 7 11.16 13.69 -7.94
C GLY A 7 10.05 12.89 -8.62
N SER A 8 10.44 11.85 -9.34
CA SER A 8 9.46 11.01 -10.04
C SER A 8 8.48 10.39 -9.05
N GLY A 9 7.35 9.92 -9.58
CA GLY A 9 6.33 9.30 -8.73
C GLY A 9 5.47 8.32 -9.49
N GLU A 10 6.09 7.25 -9.99
CA GLU A 10 5.36 6.23 -10.74
C GLU A 10 4.81 5.16 -9.80
N LYS A 11 4.13 5.60 -8.74
CA LYS A 11 3.55 4.68 -7.77
C LYS A 11 4.63 3.89 -7.06
N PRO A 12 5.60 4.59 -6.46
CA PRO A 12 6.71 3.98 -5.73
C PRO A 12 6.25 3.31 -4.43
N TYR A 13 4.95 3.36 -4.18
CA TYR A 13 4.39 2.77 -2.97
C TYR A 13 3.54 1.55 -3.31
N GLY A 14 3.73 0.48 -2.53
CA GLY A 14 2.97 -0.74 -2.76
C GLY A 14 2.39 -1.31 -1.49
N CYS A 15 1.06 -1.42 -1.44
CA CYS A 15 0.38 -1.95 -0.27
C CYS A 15 0.47 -3.47 -0.24
N ASN A 16 1.68 -3.99 -0.06
CA ASN A 16 1.91 -5.43 -0.01
C ASN A 16 0.73 -6.13 0.65
N GLU A 17 0.15 -5.49 1.66
CA GLU A 17 -0.99 -6.06 2.37
C GLU A 17 -1.98 -6.69 1.40
N CYS A 18 -2.35 -5.95 0.37
CA CYS A 18 -3.30 -6.44 -0.63
C CYS A 18 -2.63 -6.57 -1.99
N GLY A 19 -1.73 -5.65 -2.29
CA GLY A 19 -1.02 -5.68 -3.57
C GLY A 19 -1.43 -4.55 -4.49
N LYS A 20 -1.87 -3.44 -3.90
CA LYS A 20 -2.30 -2.28 -4.67
C LYS A 20 -1.22 -1.20 -4.66
N THR A 21 -1.11 -0.47 -5.77
CA THR A 21 -0.12 0.59 -5.89
C THR A 21 -0.78 1.97 -5.83
N PHE A 22 -0.02 2.96 -5.39
CA PHE A 22 -0.54 4.32 -5.28
C PHE A 22 0.52 5.34 -5.70
N SER A 23 0.14 6.27 -6.55
CA SER A 23 1.04 7.31 -7.03
C SER A 23 1.66 8.08 -5.87
N GLN A 24 0.83 8.40 -4.88
CA GLN A 24 1.29 9.14 -3.72
C GLN A 24 0.99 8.37 -2.43
N LYS A 25 1.84 8.57 -1.42
CA LYS A 25 1.66 7.89 -0.14
C LYS A 25 0.40 8.39 0.57
N SER A 26 0.20 9.71 0.56
CA SER A 26 -0.95 10.30 1.21
C SER A 26 -2.19 9.44 1.02
N ILE A 27 -2.41 8.97 -0.21
CA ILE A 27 -3.55 8.14 -0.52
C ILE A 27 -3.38 6.73 0.06
N LEU A 28 -2.18 6.19 -0.09
CA LEU A 28 -1.89 4.84 0.43
C LEU A 28 -2.15 4.77 1.92
N SER A 29 -1.55 5.68 2.68
CA SER A 29 -1.71 5.72 4.12
C SER A 29 -3.15 5.42 4.51
N ALA A 30 -4.07 6.23 4.00
CA ALA A 30 -5.49 6.06 4.28
C ALA A 30 -5.97 4.67 3.89
N HIS A 31 -5.56 4.22 2.71
CA HIS A 31 -5.95 2.91 2.21
C HIS A 31 -5.50 1.82 3.16
N GLN A 32 -4.40 2.07 3.88
CA GLN A 32 -3.88 1.10 4.83
C GLN A 32 -4.68 1.10 6.12
N ARG A 33 -5.25 2.25 6.46
CA ARG A 33 -6.04 2.39 7.67
C ARG A 33 -7.02 1.22 7.82
N THR A 34 -7.70 0.88 6.73
CA THR A 34 -8.65 -0.22 6.74
C THR A 34 -7.95 -1.56 6.90
N HIS A 35 -6.69 -1.61 6.47
CA HIS A 35 -5.90 -2.83 6.58
C HIS A 35 -5.43 -3.06 8.02
N THR A 36 -6.36 -3.50 8.87
CA THR A 36 -6.05 -3.76 10.27
C THR A 36 -6.70 -5.05 10.75
N GLY A 37 -6.00 -5.79 11.59
CA GLY A 37 -6.53 -7.04 12.11
C GLY A 37 -6.44 -7.11 13.63
N GLU A 38 -5.23 -7.07 14.15
CA GLU A 38 -5.01 -7.14 15.59
C GLU A 38 -4.68 -5.77 16.16
N LYS A 39 -4.60 -4.77 15.28
CA LYS A 39 -4.28 -3.41 15.70
C LYS A 39 -5.51 -2.50 15.55
N PRO A 40 -6.41 -2.56 16.55
CA PRO A 40 -7.63 -1.75 16.56
C PRO A 40 -7.33 -0.26 16.77
N SER A 41 -8.39 0.55 16.77
CA SER A 41 -8.25 1.98 16.96
C SER A 41 -9.00 2.45 18.20
N GLY A 42 -10.27 2.06 18.29
CA GLY A 42 -11.08 2.45 19.44
C GLY A 42 -12.26 1.53 19.64
N PRO A 43 -13.29 1.67 18.79
CA PRO A 43 -14.51 0.85 18.86
C PRO A 43 -14.25 -0.60 18.46
N SER A 44 -14.24 -1.48 19.46
CA SER A 44 -14.01 -2.90 19.22
C SER A 44 -14.72 -3.35 17.94
N SER A 45 -13.94 -3.63 16.90
CA SER A 45 -14.50 -4.07 15.63
C SER A 45 -13.77 -5.31 15.11
N GLY A 46 -14.51 -6.39 14.91
CA GLY A 46 -13.92 -7.62 14.42
C GLY A 46 -13.21 -7.43 13.10
ZN ZN B . -4.09 -2.54 0.55
#